data_3H84
#
_entry.id   3H84
#
_cell.length_a   219.400
_cell.length_b   113.743
_cell.length_c   48.370
_cell.angle_alpha   90.00
_cell.angle_beta   90.00
_cell.angle_gamma   90.00
#
_symmetry.space_group_name_H-M   'P 21 21 2'
#
loop_
_entity.id
_entity.type
_entity.pdbx_description
1 polymer 'ATPase GET3'
2 non-polymer 'ZINC ION'
3 non-polymer 'MAGNESIUM ION'
4 non-polymer 'SODIUM ION'
5 non-polymer 'CHLORIDE ION'
6 water water
#
_entity_poly.entity_id   1
_entity_poly.type   'polypeptide(L)'
_entity_poly.pdbx_seq_one_letter_code
;MDLTVEPNLHSLITSTTHKWIFVGGKGGVGKTTSSCSIAIQMALSQPNKQFLLISTDPAHNLSDAFGEKFGKDARKVTGM
NNLSCMEIDPSAALKDMNDMAVSRANNNGSDGQGDDLGSLLQGGALADLTGSIPGIDEALSFMEVMKHIKRQEQGEGETF
DTVIFDTAPTGHTLRFLQLPNTLSKLLEKFGEITNKLGPMLNSFMGAGNVDISGKLNELKANVETIRQQFTDPDLTTFVC
VCISEFLSLYETERLIQELISYDMDVNSIIVNQLLFAENDQEHNCKRCQARWKMQKKYLDQIDELYEDFHVVKMPLCAGE
IRGLNNLTKFSQFLNKEYNPITDGKVIYELEDKE
;
_entity_poly.pdbx_strand_id   A,B
#
loop_
_chem_comp.id
_chem_comp.type
_chem_comp.name
_chem_comp.formula
CL non-polymer 'CHLORIDE ION' 'Cl -1'
MG non-polymer 'MAGNESIUM ION' 'Mg 2'
NA non-polymer 'SODIUM ION' 'Na 1'
ZN non-polymer 'ZINC ION' 'Zn 2'
#
# COMPACT_ATOMS: atom_id res chain seq x y z
N VAL A 5 14.13 -15.50 -19.15
CA VAL A 5 14.02 -15.63 -17.66
C VAL A 5 12.77 -16.43 -17.30
N GLU A 6 12.98 -17.59 -16.68
CA GLU A 6 11.91 -18.55 -16.44
C GLU A 6 10.97 -18.15 -15.31
N PRO A 7 9.67 -18.45 -15.48
CA PRO A 7 8.66 -18.12 -14.47
C PRO A 7 8.66 -19.13 -13.32
N ASN A 8 9.83 -19.37 -12.76
CA ASN A 8 9.99 -20.25 -11.60
C ASN A 8 11.25 -19.87 -10.81
N LEU A 9 11.42 -20.50 -9.65
CA LEU A 9 12.61 -20.28 -8.80
C LEU A 9 13.60 -21.44 -8.88
N HIS A 10 13.54 -22.20 -9.97
CA HIS A 10 14.40 -23.37 -10.14
C HIS A 10 15.89 -23.10 -9.90
N SER A 11 16.44 -22.08 -10.55
CA SER A 11 17.86 -21.74 -10.41
C SER A 11 18.22 -21.37 -8.97
N LEU A 12 17.29 -20.75 -8.25
CA LEU A 12 17.47 -20.44 -6.83
C LEU A 12 17.42 -21.70 -5.97
N ILE A 13 16.44 -22.55 -6.26
CA ILE A 13 16.22 -23.79 -5.50
C ILE A 13 17.43 -24.72 -5.58
N THR A 14 18.09 -24.74 -6.74
CA THR A 14 19.23 -25.63 -6.98
C THR A 14 20.60 -24.93 -6.87
N SER A 15 20.59 -23.67 -6.44
CA SER A 15 21.81 -22.89 -6.28
C SER A 15 22.67 -23.40 -5.11
N THR A 16 23.96 -23.58 -5.35
CA THR A 16 24.87 -24.01 -4.29
C THR A 16 25.76 -22.86 -3.86
N THR A 17 25.31 -21.65 -4.16
CA THR A 17 26.06 -20.43 -3.94
C THR A 17 25.39 -19.55 -2.88
N HIS A 18 24.05 -19.55 -2.84
CA HIS A 18 23.29 -18.67 -1.95
C HIS A 18 23.29 -19.11 -0.49
N LYS A 19 23.56 -18.16 0.39
CA LYS A 19 23.62 -18.39 1.84
C LYS A 19 22.46 -17.72 2.58
N TRP A 20 21.96 -16.63 2.01
CA TRP A 20 20.96 -15.80 2.68
C TRP A 20 19.82 -15.50 1.72
N ILE A 21 18.64 -15.99 2.03
CA ILE A 21 17.48 -15.81 1.19
C ILE A 21 16.38 -15.16 1.99
N PHE A 22 15.97 -13.98 1.55
CA PHE A 22 14.89 -13.23 2.20
C PHE A 22 13.59 -13.40 1.44
N VAL A 23 12.50 -13.59 2.19
CA VAL A 23 11.17 -13.72 1.63
C VAL A 23 10.27 -12.68 2.29
N GLY A 24 9.56 -11.90 1.49
CA GLY A 24 8.72 -10.83 2.04
C GLY A 24 7.61 -10.39 1.13
N GLY A 25 6.56 -9.87 1.74
CA GLY A 25 5.38 -9.38 1.04
C GLY A 25 4.30 -9.08 2.06
N LYS A 26 3.68 -7.91 1.94
CA LYS A 26 2.68 -7.48 2.91
C LYS A 26 1.27 -7.49 2.36
N GLY A 27 0.31 -7.80 3.23
CA GLY A 27 -1.11 -7.72 2.89
C GLY A 27 -1.92 -9.00 3.01
N GLY A 28 -1.31 -10.08 3.53
CA GLY A 28 -1.99 -11.39 3.56
C GLY A 28 -1.92 -11.99 2.16
N VAL A 29 -0.69 -12.24 1.74
CA VAL A 29 -0.36 -12.33 0.36
C VAL A 29 0.25 -13.72 0.07
N GLY A 30 0.19 -14.57 1.10
CA GLY A 30 0.75 -15.92 1.06
C GLY A 30 2.23 -15.97 1.40
N LYS A 31 2.70 -14.96 2.13
CA LYS A 31 4.13 -14.83 2.43
C LYS A 31 4.71 -16.02 3.24
N THR A 32 4.05 -16.39 4.33
CA THR A 32 4.47 -17.51 5.17
C THR A 32 4.53 -18.82 4.38
N THR A 33 3.50 -19.07 3.57
CA THR A 33 3.43 -20.27 2.74
C THR A 33 4.57 -20.28 1.70
N SER A 34 4.94 -19.10 1.21
CA SER A 34 6.02 -18.96 0.25
C SER A 34 7.38 -19.22 0.89
N SER A 35 7.64 -18.63 2.07
CA SER A 35 8.86 -18.90 2.84
C SER A 35 9.05 -20.39 3.10
N CYS A 36 8.01 -21.02 3.65
CA CYS A 36 8.01 -22.46 3.94
C CYS A 36 8.28 -23.29 2.69
N SER A 37 7.65 -22.91 1.57
CA SER A 37 7.74 -23.62 0.31
C SER A 37 9.13 -23.53 -0.32
N ILE A 38 9.72 -22.33 -0.29
CA ILE A 38 11.10 -22.12 -0.69
C ILE A 38 12.06 -22.98 0.13
N ALA A 39 11.93 -22.92 1.45
CA ALA A 39 12.74 -23.73 2.36
C ALA A 39 12.65 -25.23 2.06
N ILE A 40 11.42 -25.73 1.89
CA ILE A 40 11.20 -27.14 1.58
C ILE A 40 11.83 -27.55 0.24
N GLN A 41 11.61 -26.75 -0.79
CA GLN A 41 12.15 -27.04 -2.11
C GLN A 41 13.67 -27.11 -2.10
N MET A 42 14.32 -26.14 -1.45
CA MET A 42 15.77 -26.14 -1.35
C MET A 42 16.32 -27.34 -0.58
N ALA A 43 15.67 -27.66 0.54
CA ALA A 43 16.08 -28.80 1.37
C ALA A 43 15.89 -30.15 0.68
N LEU A 44 14.81 -30.28 -0.10
CA LEU A 44 14.56 -31.49 -0.87
C LEU A 44 15.49 -31.63 -2.09
N SER A 45 15.80 -30.50 -2.74
CA SER A 45 16.67 -30.52 -3.91
C SER A 45 18.15 -30.61 -3.56
N GLN A 46 18.51 -30.24 -2.33
CA GLN A 46 19.89 -30.29 -1.86
C GLN A 46 20.01 -31.04 -0.53
N PRO A 47 19.76 -32.38 -0.54
CA PRO A 47 19.78 -33.20 0.68
C PRO A 47 21.12 -33.24 1.42
N ASN A 48 22.20 -32.92 0.71
CA ASN A 48 23.54 -32.89 1.30
C ASN A 48 23.84 -31.61 2.07
N LYS A 49 22.92 -30.64 2.03
CA LYS A 49 23.07 -29.35 2.73
C LYS A 49 22.07 -29.25 3.89
N GLN A 50 22.36 -28.36 4.83
CA GLN A 50 21.48 -28.12 5.98
C GLN A 50 20.88 -26.72 5.89
N PHE A 51 19.57 -26.64 6.08
CA PHE A 51 18.83 -25.41 5.88
C PHE A 51 18.12 -24.94 7.12
N LEU A 52 18.11 -23.63 7.32
CA LEU A 52 17.40 -23.00 8.42
C LEU A 52 16.34 -22.05 7.87
N LEU A 53 15.10 -22.26 8.29
CA LEU A 53 14.04 -21.30 8.03
C LEU A 53 13.73 -20.57 9.33
N ILE A 54 13.93 -19.25 9.34
CA ILE A 54 13.76 -18.47 10.56
C ILE A 54 12.71 -17.38 10.40
N SER A 55 11.85 -17.29 11.41
CA SER A 55 10.83 -16.28 11.50
C SER A 55 11.03 -15.40 12.71
N THR A 56 10.50 -14.18 12.60
CA THR A 56 10.70 -13.14 13.59
C THR A 56 9.32 -12.60 13.99
N ASP A 57 8.29 -13.33 13.56
CA ASP A 57 6.89 -13.03 13.81
C ASP A 57 6.46 -13.58 15.17
N PRO A 58 6.07 -12.68 16.10
CA PRO A 58 5.57 -13.07 17.43
C PRO A 58 4.33 -13.95 17.42
N ALA A 59 3.53 -13.87 16.36
CA ALA A 59 2.35 -14.72 16.20
C ALA A 59 2.68 -16.19 15.87
N HIS A 60 3.98 -16.50 15.71
CA HIS A 60 4.46 -17.88 15.48
C HIS A 60 3.89 -18.51 14.23
N ASN A 61 4.12 -17.84 13.10
CA ASN A 61 3.56 -18.25 11.81
C ASN A 61 4.08 -19.60 11.29
N LEU A 62 5.35 -19.91 11.54
CA LEU A 62 5.94 -21.19 11.07
C LEU A 62 5.41 -22.41 11.83
N SER A 63 5.11 -22.22 13.11
CA SER A 63 4.46 -23.23 13.93
C SER A 63 3.06 -23.52 13.43
N ASP A 64 2.34 -22.45 13.08
CA ASP A 64 1.01 -22.57 12.52
C ASP A 64 1.03 -23.21 11.12
N ALA A 65 2.04 -22.87 10.32
CA ALA A 65 2.17 -23.41 8.96
C ALA A 65 2.50 -24.91 8.93
N PHE A 66 3.39 -25.35 9.82
CA PHE A 66 3.82 -26.76 9.85
C PHE A 66 2.99 -27.63 10.78
N GLY A 67 2.26 -27.00 11.71
CA GLY A 67 1.51 -27.73 12.72
C GLY A 67 2.42 -28.33 13.77
N GLU A 68 3.59 -27.72 13.95
CA GLU A 68 4.55 -28.11 14.98
C GLU A 68 4.85 -26.89 15.84
N LYS A 69 5.35 -27.13 17.04
CA LYS A 69 5.79 -26.08 17.94
C LYS A 69 7.26 -25.74 17.70
N PHE A 70 7.52 -24.55 17.20
CA PHE A 70 8.89 -24.08 17.00
C PHE A 70 9.19 -22.96 17.99
N GLY A 71 10.48 -22.62 18.11
CA GLY A 71 10.92 -21.62 19.05
C GLY A 71 12.34 -21.18 18.85
N LYS A 72 12.95 -20.74 19.95
CA LYS A 72 14.27 -20.14 19.97
C LYS A 72 15.38 -21.14 19.66
N ASP A 73 15.17 -22.40 20.03
CA ASP A 73 16.11 -23.48 19.75
C ASP A 73 15.72 -24.17 18.45
N ALA A 74 16.65 -24.24 17.51
CA ALA A 74 16.38 -24.83 16.19
C ALA A 74 15.88 -26.27 16.30
N ARG A 75 14.78 -26.56 15.61
CA ARG A 75 14.24 -27.92 15.53
C ARG A 75 14.03 -28.31 14.08
N LYS A 76 14.45 -29.53 13.74
CA LYS A 76 14.15 -30.14 12.45
C LYS A 76 12.65 -30.24 12.30
N VAL A 77 12.13 -29.94 11.11
CA VAL A 77 10.71 -30.18 10.88
C VAL A 77 10.53 -31.69 10.72
N THR A 78 9.50 -32.21 11.37
CA THR A 78 9.24 -33.66 11.37
C THR A 78 8.94 -34.12 9.95
N GLY A 79 9.69 -35.13 9.50
CA GLY A 79 9.56 -35.66 8.14
C GLY A 79 10.65 -35.17 7.21
N MET A 80 11.47 -34.24 7.71
CA MET A 80 12.60 -33.68 6.95
C MET A 80 13.91 -33.96 7.67
N ASN A 81 14.94 -34.29 6.90
CA ASN A 81 16.27 -34.59 7.45
C ASN A 81 17.19 -33.37 7.54
N ASN A 82 16.93 -32.37 6.71
CA ASN A 82 17.87 -31.25 6.56
C ASN A 82 17.22 -29.86 6.58
N LEU A 83 16.02 -29.77 7.12
CA LEU A 83 15.35 -28.47 7.31
C LEU A 83 14.96 -28.28 8.78
N SER A 84 15.38 -27.15 9.34
CA SER A 84 15.08 -26.78 10.70
C SER A 84 14.39 -25.42 10.72
N CYS A 85 13.56 -25.20 11.74
CA CYS A 85 12.88 -23.92 11.91
C CYS A 85 13.24 -23.27 13.25
N MET A 86 13.30 -21.94 13.22
CA MET A 86 13.42 -21.13 14.43
C MET A 86 12.37 -20.03 14.43
N GLU A 87 11.85 -19.73 15.62
CA GLU A 87 10.97 -18.59 15.81
C GLU A 87 11.46 -17.82 17.01
N ILE A 88 11.92 -16.59 16.77
CA ILE A 88 12.38 -15.74 17.86
C ILE A 88 11.70 -14.36 17.81
N ASP A 89 12.01 -13.54 18.81
CA ASP A 89 11.42 -12.22 18.98
C ASP A 89 12.56 -11.25 19.31
N PRO A 90 13.26 -10.72 18.29
CA PRO A 90 14.47 -9.92 18.50
C PRO A 90 14.23 -8.56 19.15
N SER A 91 13.09 -7.92 18.86
CA SER A 91 12.71 -6.67 19.52
C SER A 91 12.49 -6.84 21.02
N ALA A 92 11.83 -7.94 21.39
CA ALA A 92 11.60 -8.24 22.80
C ALA A 92 12.90 -8.64 23.49
N ALA A 93 13.77 -9.35 22.77
CA ALA A 93 15.08 -9.72 23.30
C ALA A 93 16.00 -8.50 23.49
N LEU A 94 15.94 -7.58 22.53
CA LEU A 94 16.70 -6.33 22.61
C LEU A 94 16.23 -5.43 23.74
N LYS A 95 14.92 -5.33 23.93
CA LYS A 95 14.37 -4.54 25.01
C LYS A 95 14.86 -5.07 26.36
N ASP A 96 14.85 -6.39 26.50
CA ASP A 96 15.34 -7.04 27.71
C ASP A 96 16.83 -6.78 27.95
N MET A 97 17.65 -6.93 26.89
CA MET A 97 19.09 -6.68 26.99
C MET A 97 19.38 -5.22 27.28
N ASN A 98 18.59 -4.32 26.68
CA ASN A 98 18.74 -2.89 26.91
C ASN A 98 18.35 -2.46 28.32
N ASP A 99 17.23 -2.98 28.82
CA ASP A 99 16.81 -2.73 30.22
C ASP A 99 17.91 -3.11 31.20
N MET A 100 18.60 -4.22 30.93
CA MET A 100 19.69 -4.66 31.80
C MET A 100 20.93 -3.79 31.65
N ALA A 101 21.21 -3.37 30.42
CA ALA A 101 22.30 -2.43 30.14
C ALA A 101 22.11 -1.11 30.89
N VAL A 102 20.87 -0.61 30.89
CA VAL A 102 20.48 0.60 31.62
C VAL A 102 20.56 0.39 33.13
N SER A 103 20.16 -0.79 33.59
CA SER A 103 20.22 -1.14 35.01
C SER A 103 21.65 -1.26 35.53
N ARG A 104 22.54 -1.76 34.67
CA ARG A 104 23.97 -1.86 34.99
C ARG A 104 24.66 -0.50 34.96
N ALA A 105 24.11 0.42 34.15
CA ALA A 105 24.62 1.78 34.07
C ALA A 105 24.26 2.58 35.32
N ASN A 106 22.99 2.50 35.74
CA ASN A 106 22.49 3.18 36.94
C ASN A 106 23.21 2.73 38.20
N ASN A 107 23.38 1.41 38.32
CA ASN A 107 24.14 0.82 39.41
C ASN A 107 25.62 0.76 39.06
N ASN A 108 26.41 0.09 39.90
CA ASN A 108 27.81 -0.16 39.60
C ASN A 108 27.89 -1.50 38.88
N GLY A 109 27.78 -1.46 37.55
CA GLY A 109 27.61 -2.68 36.77
C GLY A 109 28.71 -3.00 35.79
N SER A 110 29.29 -4.18 35.96
CA SER A 110 30.28 -4.72 35.04
C SER A 110 29.60 -5.43 33.87
N ASP A 111 30.38 -5.75 32.84
CA ASP A 111 29.90 -6.50 31.68
C ASP A 111 30.81 -7.70 31.41
N GLY A 112 30.25 -8.74 30.79
CA GLY A 112 31.06 -9.85 30.28
C GLY A 112 31.95 -9.36 29.16
N GLN A 113 31.43 -8.39 28.39
CA GLN A 113 32.13 -7.67 27.31
C GLN A 113 32.75 -8.51 26.21
N GLY A 114 32.87 -9.82 26.44
CA GLY A 114 33.40 -10.77 25.46
C GLY A 114 32.47 -10.89 24.25
N ASP A 115 32.21 -9.75 23.61
CA ASP A 115 31.38 -9.64 22.40
C ASP A 115 29.87 -9.91 22.61
N ASP A 116 29.01 -9.27 21.83
CA ASP A 116 29.37 -8.22 20.88
C ASP A 116 28.28 -7.15 20.92
N LEU A 117 27.03 -7.59 20.71
CA LEU A 117 25.86 -6.73 20.77
C LEU A 117 25.63 -6.18 22.19
N GLY A 118 26.03 -6.96 23.20
CA GLY A 118 25.97 -6.51 24.59
C GLY A 118 26.81 -5.28 24.86
N SER A 119 27.96 -5.20 24.18
CA SER A 119 28.85 -4.05 24.26
C SER A 119 28.27 -2.82 23.58
N LEU A 120 27.58 -3.04 22.46
CA LEU A 120 26.91 -1.95 21.73
C LEU A 120 25.81 -1.27 22.54
N LEU A 121 25.12 -2.04 23.38
CA LEU A 121 23.97 -1.56 24.13
C LEU A 121 24.34 -0.79 25.40
N GLN A 122 25.64 -0.70 25.71
CA GLN A 122 26.13 -0.08 26.94
C GLN A 122 25.45 1.25 27.29
N GLY A 123 24.98 1.35 28.53
CA GLY A 123 24.31 2.55 29.03
C GLY A 123 22.93 2.81 28.47
N GLY A 124 22.51 1.99 27.50
CA GLY A 124 21.24 2.19 26.79
C GLY A 124 21.27 3.38 25.85
N ALA A 125 22.48 3.86 25.56
CA ALA A 125 22.68 5.09 24.79
C ALA A 125 22.30 4.93 23.31
N LEU A 126 22.64 3.78 22.74
CA LEU A 126 22.39 3.49 21.34
C LEU A 126 20.90 3.29 21.06
N ALA A 127 20.18 2.77 22.07
CA ALA A 127 18.75 2.48 21.95
C ALA A 127 17.86 3.72 21.97
N ASP A 128 18.26 4.76 22.69
CA ASP A 128 17.47 6.00 22.67
C ASP A 128 17.93 6.99 21.59
N LEU A 129 18.78 6.51 20.69
CA LEU A 129 19.12 7.21 19.45
C LEU A 129 18.34 6.64 18.27
N THR A 130 17.58 5.59 18.52
CA THR A 130 16.79 4.92 17.48
C THR A 130 15.69 5.82 16.93
N GLY A 131 15.30 6.83 17.71
CA GLY A 131 14.28 7.79 17.29
C GLY A 131 14.81 8.91 16.41
N SER A 132 16.12 9.15 16.45
CA SER A 132 16.74 10.23 15.69
C SER A 132 17.61 9.73 14.54
N ILE A 133 18.04 8.47 14.61
CA ILE A 133 18.84 7.87 13.54
C ILE A 133 18.16 6.60 12.99
N PRO A 134 17.54 6.72 11.79
CA PRO A 134 16.88 5.58 11.16
C PRO A 134 17.88 4.46 10.83
N GLY A 135 17.44 3.21 11.02
CA GLY A 135 18.29 2.07 10.71
C GLY A 135 18.98 1.42 11.89
N ILE A 136 19.10 2.15 13.00
CA ILE A 136 19.73 1.63 14.23
C ILE A 136 18.91 0.51 14.83
N ASP A 137 17.61 0.78 15.04
CA ASP A 137 16.68 -0.21 15.59
C ASP A 137 16.77 -1.51 14.82
N GLU A 138 16.74 -1.39 13.50
CA GLU A 138 16.77 -2.51 12.57
C GLU A 138 18.11 -3.24 12.58
N ALA A 139 19.20 -2.48 12.70
CA ALA A 139 20.55 -3.06 12.81
C ALA A 139 20.71 -3.94 14.04
N LEU A 140 20.34 -3.41 15.20
CA LEU A 140 20.46 -4.11 16.47
C LEU A 140 19.53 -5.33 16.51
N SER A 141 18.34 -5.18 15.94
CA SER A 141 17.37 -6.26 15.88
C SER A 141 17.90 -7.41 15.02
N PHE A 142 18.47 -7.08 13.87
CA PHE A 142 19.07 -8.10 13.00
C PHE A 142 20.35 -8.70 13.58
N MET A 143 21.05 -7.92 14.41
CA MET A 143 22.18 -8.45 15.17
C MET A 143 21.74 -9.48 16.20
N GLU A 144 20.57 -9.25 16.80
CA GLU A 144 19.93 -10.22 17.69
C GLU A 144 19.64 -11.55 16.99
N VAL A 145 19.06 -11.48 15.78
CA VAL A 145 18.76 -12.71 15.03
C VAL A 145 20.04 -13.46 14.61
N MET A 146 21.06 -12.74 14.14
CA MET A 146 22.35 -13.36 13.80
C MET A 146 23.00 -14.03 15.00
N LYS A 147 22.88 -13.39 16.16
CA LYS A 147 23.36 -13.93 17.44
C LYS A 147 22.68 -15.27 17.78
N HIS A 148 21.36 -15.32 17.65
CA HIS A 148 20.58 -16.55 17.92
C HIS A 148 20.92 -17.69 16.96
N ILE A 149 21.16 -17.37 15.69
CA ILE A 149 21.51 -18.37 14.69
C ILE A 149 22.90 -18.96 14.99
N LYS A 150 23.87 -18.09 15.22
CA LYS A 150 25.23 -18.51 15.53
C LYS A 150 25.30 -19.35 16.81
N ARG A 151 24.50 -18.98 17.81
CA ARG A 151 24.38 -19.75 19.04
C ARG A 151 23.76 -21.13 18.78
N GLN A 152 22.78 -21.17 17.88
CA GLN A 152 22.10 -22.42 17.51
C GLN A 152 22.98 -23.35 16.68
N GLU A 153 23.93 -22.78 15.97
CA GLU A 153 24.89 -23.57 15.20
C GLU A 153 25.90 -24.24 16.14
N GLN A 154 25.48 -24.42 17.39
CA GLN A 154 26.25 -25.08 18.44
C GLN A 154 27.75 -24.84 18.29
N GLY A 155 28.50 -25.94 18.19
CA GLY A 155 29.92 -25.90 17.90
C GLY A 155 30.27 -26.86 16.78
N GLU A 156 29.63 -28.03 16.80
CA GLU A 156 29.90 -29.11 15.84
C GLU A 156 29.40 -28.78 14.43
N GLY A 157 29.32 -29.80 13.57
CA GLY A 157 28.82 -29.65 12.20
C GLY A 157 27.34 -29.31 12.14
N GLU A 158 26.92 -28.40 13.03
CA GLU A 158 25.52 -27.99 13.14
C GLU A 158 25.33 -26.58 12.57
N THR A 159 26.32 -26.13 11.80
CA THR A 159 26.25 -24.89 11.05
C THR A 159 25.41 -25.06 9.77
N PHE A 160 24.46 -24.15 9.55
CA PHE A 160 23.58 -24.21 8.39
C PHE A 160 24.26 -23.66 7.15
N ASP A 161 24.03 -24.32 6.02
CA ASP A 161 24.62 -23.89 4.76
C ASP A 161 23.88 -22.70 4.15
N THR A 162 22.57 -22.66 4.39
CA THR A 162 21.71 -21.62 3.86
C THR A 162 20.60 -21.28 4.86
N VAL A 163 20.40 -19.97 5.07
CA VAL A 163 19.30 -19.50 5.90
C VAL A 163 18.26 -18.82 5.03
N ILE A 164 17.00 -19.23 5.21
CA ILE A 164 15.86 -18.57 4.58
C ILE A 164 15.20 -17.70 5.63
N PHE A 165 15.24 -16.39 5.40
CA PHE A 165 14.63 -15.44 6.32
C PHE A 165 13.18 -15.15 5.92
N ASP A 166 12.25 -15.69 6.69
CA ASP A 166 10.85 -15.32 6.60
C ASP A 166 10.71 -13.97 7.31
N THR A 167 10.66 -12.88 6.55
CA THR A 167 10.68 -11.54 7.13
C THR A 167 9.37 -11.20 7.86
N ALA A 168 9.49 -10.33 8.88
CA ALA A 168 8.36 -9.92 9.72
C ALA A 168 7.27 -9.26 8.89
N PRO A 169 6.00 -9.44 9.30
CA PRO A 169 4.87 -8.80 8.60
C PRO A 169 4.88 -7.27 8.62
N THR A 170 5.50 -6.66 9.63
CA THR A 170 5.57 -5.20 9.74
C THR A 170 7.00 -4.65 9.67
N GLY A 171 7.11 -3.36 9.31
CA GLY A 171 8.38 -2.64 9.39
C GLY A 171 9.26 -2.76 8.17
N HIS A 172 10.37 -2.03 8.19
CA HIS A 172 11.36 -2.05 7.11
C HIS A 172 12.64 -2.69 7.64
N THR A 173 12.53 -4.01 7.84
CA THR A 173 13.56 -4.89 8.40
C THR A 173 15.00 -4.66 7.93
N LEU A 174 15.19 -4.38 6.64
CA LEU A 174 16.53 -4.31 6.06
C LEU A 174 17.03 -2.88 5.92
N ARG A 175 16.33 -1.93 6.54
CA ARG A 175 16.72 -0.52 6.55
C ARG A 175 18.15 -0.29 7.05
N PHE A 176 18.62 -1.18 7.92
CA PHE A 176 20.01 -1.11 8.43
C PHE A 176 21.08 -1.12 7.32
N LEU A 177 20.75 -1.68 6.15
CA LEU A 177 21.68 -1.68 5.01
C LEU A 177 22.09 -0.27 4.55
N GLN A 178 21.25 0.72 4.84
CA GLN A 178 21.55 2.13 4.55
C GLN A 178 22.39 2.81 5.64
N LEU A 179 22.56 2.14 6.79
CA LEU A 179 23.27 2.71 7.94
C LEU A 179 24.69 3.21 7.71
N PRO A 180 25.56 2.40 7.04
CA PRO A 180 26.95 2.84 6.85
C PRO A 180 27.05 4.17 6.13
N ASN A 181 26.12 4.44 5.22
CA ASN A 181 26.06 5.72 4.53
C ASN A 181 25.56 6.86 5.42
N THR A 182 24.44 6.65 6.11
CA THR A 182 23.87 7.71 6.96
C THR A 182 24.77 8.02 8.16
N LEU A 183 25.54 7.03 8.62
CA LEU A 183 26.48 7.23 9.72
C LEU A 183 27.79 7.89 9.29
N SER A 184 28.22 7.62 8.06
CA SER A 184 29.40 8.28 7.50
C SER A 184 29.18 9.79 7.37
N LYS A 185 27.95 10.17 6.98
CA LYS A 185 27.56 11.57 6.94
C LYS A 185 27.46 12.12 8.37
N LEU A 186 26.50 11.61 9.15
CA LEU A 186 26.30 12.05 10.53
C LEU A 186 27.60 12.30 11.30
N LEU A 187 28.54 11.36 11.19
CA LEU A 187 29.82 11.43 11.92
C LEU A 187 30.85 12.35 11.27
N GLU A 188 30.51 12.91 10.11
CA GLU A 188 31.35 13.88 9.43
C GLU A 188 31.13 15.27 10.02
N LYS A 189 30.05 15.42 10.79
CA LYS A 189 29.67 16.71 11.38
C LYS A 189 30.58 17.15 12.54
N PHE A 190 30.37 16.64 13.77
CA PHE A 190 29.31 15.72 14.14
C PHE A 190 28.59 16.19 15.40
N ASP A 211 32.80 7.80 22.95
CA ASP A 211 31.88 6.90 23.63
C ASP A 211 30.68 6.58 22.75
N ILE A 212 29.81 7.56 22.53
CA ILE A 212 28.66 7.40 21.64
C ILE A 212 29.13 7.26 20.19
N SER A 213 30.07 8.12 19.78
CA SER A 213 30.69 8.03 18.45
C SER A 213 31.46 6.73 18.28
N GLY A 214 32.07 6.26 19.37
CA GLY A 214 32.72 4.96 19.40
C GLY A 214 31.76 3.81 19.14
N LYS A 215 30.55 3.90 19.70
CA LYS A 215 29.51 2.89 19.51
C LYS A 215 28.91 2.96 18.10
N LEU A 216 28.77 4.19 17.57
CA LEU A 216 28.33 4.39 16.20
C LEU A 216 29.30 3.78 15.19
N ASN A 217 30.60 3.91 15.46
CA ASN A 217 31.66 3.33 14.64
C ASN A 217 31.72 1.80 14.66
N GLU A 218 31.53 1.22 15.85
CA GLU A 218 31.40 -0.23 15.99
C GLU A 218 30.20 -0.76 15.21
N LEU A 219 29.09 -0.03 15.27
CA LEU A 219 27.86 -0.40 14.57
C LEU A 219 28.01 -0.31 13.05
N LYS A 220 28.59 0.80 12.58
CA LYS A 220 28.84 1.03 11.16
C LYS A 220 29.68 -0.10 10.55
N ALA A 221 30.76 -0.45 11.24
CA ALA A 221 31.66 -1.54 10.84
C ALA A 221 30.95 -2.90 10.83
N ASN A 222 30.10 -3.13 11.83
CA ASN A 222 29.29 -4.34 11.91
C ASN A 222 28.36 -4.51 10.71
N VAL A 223 27.71 -3.41 10.30
CA VAL A 223 26.78 -3.44 9.17
C VAL A 223 27.51 -3.55 7.83
N GLU A 224 28.70 -2.94 7.74
CA GLU A 224 29.53 -3.04 6.54
C GLU A 224 30.00 -4.47 6.27
N THR A 225 30.25 -5.22 7.34
CA THR A 225 30.58 -6.64 7.26
C THR A 225 29.39 -7.45 6.72
N ILE A 226 28.19 -7.15 7.21
CA ILE A 226 26.97 -7.76 6.70
C ILE A 226 26.79 -7.46 5.21
N ARG A 227 27.02 -6.20 4.83
CA ARG A 227 26.87 -5.72 3.46
C ARG A 227 27.71 -6.48 2.44
N GLN A 228 28.94 -6.83 2.83
CA GLN A 228 29.84 -7.59 1.96
C GLN A 228 29.16 -8.85 1.43
N GLN A 229 28.33 -9.46 2.27
CA GLN A 229 27.58 -10.65 1.89
C GLN A 229 26.16 -10.35 1.38
N PHE A 230 25.49 -9.39 2.02
CA PHE A 230 24.10 -9.09 1.68
C PHE A 230 23.92 -8.35 0.35
N THR A 231 24.98 -7.71 -0.14
CA THR A 231 24.95 -7.02 -1.43
C THR A 231 25.60 -7.85 -2.55
N ASP A 232 26.04 -9.06 -2.21
CA ASP A 232 26.61 -9.99 -3.17
C ASP A 232 25.48 -10.83 -3.78
N PRO A 233 25.13 -10.58 -5.06
CA PRO A 233 23.97 -11.23 -5.69
C PRO A 233 24.12 -12.75 -5.78
N ASP A 234 25.36 -13.23 -5.69
CA ASP A 234 25.63 -14.66 -5.67
C ASP A 234 25.34 -15.28 -4.31
N LEU A 235 25.43 -14.49 -3.24
CA LEU A 235 25.29 -15.01 -1.88
C LEU A 235 23.91 -14.74 -1.28
N THR A 236 23.33 -13.60 -1.64
CA THR A 236 22.10 -13.11 -1.03
C THR A 236 21.09 -12.60 -2.06
N THR A 237 19.82 -12.99 -1.88
CA THR A 237 18.74 -12.50 -2.74
C THR A 237 17.43 -12.35 -1.95
N PHE A 238 16.52 -11.53 -2.46
CA PHE A 238 15.23 -11.29 -1.84
C PHE A 238 14.11 -11.73 -2.78
N VAL A 239 13.24 -12.62 -2.29
CA VAL A 239 12.05 -13.02 -3.05
C VAL A 239 10.84 -12.22 -2.56
N CYS A 240 10.25 -11.45 -3.48
CA CYS A 240 9.02 -10.72 -3.22
C CYS A 240 7.81 -11.61 -3.38
N VAL A 241 6.80 -11.35 -2.56
CA VAL A 241 5.56 -12.11 -2.60
C VAL A 241 4.41 -11.13 -2.73
N CYS A 242 3.55 -11.38 -3.70
CA CYS A 242 2.41 -10.52 -3.89
C CYS A 242 1.19 -11.30 -4.35
N ILE A 243 0.16 -10.53 -4.64
CA ILE A 243 -1.11 -11.00 -5.15
C ILE A 243 -1.41 -10.13 -6.38
N SER A 244 -2.22 -10.65 -7.31
CA SER A 244 -2.48 -9.94 -8.57
C SER A 244 -3.62 -8.91 -8.44
N GLU A 245 -3.31 -7.79 -7.79
CA GLU A 245 -4.26 -6.70 -7.54
C GLU A 245 -3.49 -5.40 -7.50
N PHE A 246 -4.16 -4.29 -7.85
CA PHE A 246 -3.52 -2.98 -7.98
C PHE A 246 -2.63 -2.59 -6.81
N LEU A 247 -3.19 -2.63 -5.60
CA LEU A 247 -2.49 -2.21 -4.39
C LEU A 247 -1.31 -3.11 -4.04
N SER A 248 -1.45 -4.41 -4.28
CA SER A 248 -0.37 -5.35 -4.06
C SER A 248 0.75 -5.16 -5.09
N LEU A 249 0.39 -4.87 -6.32
CA LEU A 249 1.35 -4.49 -7.35
C LEU A 249 2.19 -3.26 -6.92
N TYR A 250 1.52 -2.18 -6.52
CA TYR A 250 2.24 -0.97 -6.13
C TYR A 250 3.02 -1.10 -4.82
N GLU A 251 2.54 -1.92 -3.89
CA GLU A 251 3.29 -2.27 -2.69
C GLU A 251 4.57 -3.06 -3.02
N THR A 252 4.50 -3.91 -4.04
CA THR A 252 5.63 -4.69 -4.52
C THR A 252 6.66 -3.82 -5.23
N GLU A 253 6.20 -2.92 -6.09
CA GLU A 253 7.06 -1.90 -6.70
C GLU A 253 7.81 -1.09 -5.62
N ARG A 254 7.09 -0.70 -4.59
CA ARG A 254 7.65 0.00 -3.43
C ARG A 254 8.74 -0.83 -2.71
N LEU A 255 8.44 -2.10 -2.45
CA LEU A 255 9.40 -3.05 -1.88
C LEU A 255 10.66 -3.21 -2.74
N ILE A 256 10.46 -3.48 -4.04
CA ILE A 256 11.56 -3.60 -5.00
C ILE A 256 12.49 -2.38 -4.95
N GLN A 257 11.90 -1.18 -5.00
CA GLN A 257 12.65 0.06 -4.98
C GLN A 257 13.42 0.24 -3.67
N GLU A 258 12.81 -0.22 -2.58
CA GLU A 258 13.45 -0.23 -1.27
C GLU A 258 14.70 -1.11 -1.28
N LEU A 259 14.57 -2.31 -1.84
CA LEU A 259 15.67 -3.28 -1.89
C LEU A 259 16.79 -2.82 -2.79
N ILE A 260 16.43 -2.21 -3.92
CA ILE A 260 17.42 -1.61 -4.83
C ILE A 260 18.25 -0.55 -4.11
N SER A 261 17.58 0.27 -3.28
CA SER A 261 18.26 1.33 -2.53
C SER A 261 19.21 0.77 -1.47
N TYR A 262 19.02 -0.49 -1.08
CA TYR A 262 19.90 -1.19 -0.16
C TYR A 262 21.02 -1.94 -0.86
N ASP A 263 20.97 -1.97 -2.20
CA ASP A 263 21.86 -2.81 -3.02
C ASP A 263 21.59 -4.30 -2.79
N MET A 264 20.38 -4.61 -2.36
CA MET A 264 19.90 -5.99 -2.24
C MET A 264 19.48 -6.52 -3.59
N ASP A 265 20.04 -7.65 -4.00
CA ASP A 265 19.56 -8.35 -5.19
C ASP A 265 18.11 -8.80 -5.03
N VAL A 266 17.29 -8.44 -6.02
CA VAL A 266 15.91 -8.85 -6.10
C VAL A 266 15.54 -9.07 -7.57
N ASN A 267 15.22 -10.31 -7.92
CA ASN A 267 14.77 -10.61 -9.28
C ASN A 267 13.71 -11.72 -9.34
N SER A 268 12.95 -11.84 -8.25
CA SER A 268 11.96 -12.90 -8.09
C SER A 268 10.70 -12.35 -7.46
N ILE A 269 9.58 -12.64 -8.09
CA ILE A 269 8.26 -12.28 -7.56
C ILE A 269 7.35 -13.51 -7.60
N ILE A 270 6.81 -13.88 -6.44
CA ILE A 270 5.81 -14.94 -6.35
C ILE A 270 4.44 -14.29 -6.32
N VAL A 271 3.59 -14.66 -7.28
CA VAL A 271 2.22 -14.15 -7.34
C VAL A 271 1.27 -15.26 -6.90
N ASN A 272 0.68 -15.08 -5.72
CA ASN A 272 -0.17 -16.08 -5.12
C ASN A 272 -1.66 -15.84 -5.34
N GLN A 273 -2.46 -16.86 -4.96
CA GLN A 273 -3.92 -16.78 -4.92
C GLN A 273 -4.58 -16.64 -6.30
N LEU A 274 -3.86 -17.08 -7.34
CA LEU A 274 -4.36 -17.01 -8.70
C LEU A 274 -5.43 -18.07 -8.97
N LEU A 275 -6.55 -17.62 -9.52
CA LEU A 275 -7.70 -18.49 -9.75
C LEU A 275 -7.51 -19.48 -10.90
N PHE A 276 -6.84 -19.04 -11.97
CA PHE A 276 -6.82 -19.77 -13.24
C PHE A 276 -8.22 -20.29 -13.56
N ALA A 277 -9.22 -19.40 -13.53
CA ALA A 277 -10.64 -19.79 -13.49
C ALA A 277 -11.21 -20.37 -14.78
N GLU A 278 -10.66 -19.94 -15.92
CA GLU A 278 -11.12 -20.42 -17.23
C GLU A 278 -10.82 -21.91 -17.40
N ASN A 279 -9.76 -22.37 -16.71
CA ASN A 279 -9.41 -23.79 -16.65
C ASN A 279 -10.17 -24.50 -15.52
N ASP A 280 -9.64 -25.65 -15.09
CA ASP A 280 -10.13 -26.41 -13.94
C ASP A 280 -11.65 -26.64 -13.99
N GLN A 281 -12.41 -25.67 -13.49
CA GLN A 281 -13.87 -25.70 -13.50
C GLN A 281 -14.41 -25.74 -14.94
N GLU A 282 -14.80 -24.58 -15.47
CA GLU A 282 -15.45 -24.44 -16.78
C GLU A 282 -16.02 -23.03 -16.90
N HIS A 283 -17.28 -22.89 -16.50
CA HIS A 283 -17.99 -21.61 -16.58
C HIS A 283 -18.74 -21.28 -15.27
N ASN A 284 -18.63 -22.16 -14.29
CA ASN A 284 -19.40 -22.04 -13.05
C ASN A 284 -18.86 -20.97 -12.10
N CYS A 285 -19.79 -20.17 -11.58
CA CYS A 285 -19.52 -18.96 -10.78
C CYS A 285 -18.86 -17.85 -11.59
N LYS A 286 -19.69 -16.90 -12.02
CA LYS A 286 -19.26 -15.75 -12.80
C LYS A 286 -18.46 -14.76 -11.97
N ARG A 287 -18.68 -14.78 -10.65
CA ARG A 287 -17.95 -13.92 -9.72
C ARG A 287 -16.46 -14.28 -9.66
N CYS A 288 -16.16 -15.57 -9.70
CA CYS A 288 -14.78 -16.03 -9.80
C CYS A 288 -14.19 -15.71 -11.17
N GLN A 289 -15.01 -15.84 -12.20
CA GLN A 289 -14.61 -15.49 -13.56
C GLN A 289 -14.26 -14.00 -13.69
N ALA A 290 -15.10 -13.15 -13.09
CA ALA A 290 -14.86 -11.71 -13.05
C ALA A 290 -13.56 -11.39 -12.31
N ARG A 291 -13.37 -12.06 -11.17
CA ARG A 291 -12.15 -11.93 -10.37
C ARG A 291 -10.90 -12.39 -11.12
N TRP A 292 -10.99 -13.52 -11.82
CA TRP A 292 -9.90 -14.01 -12.64
C TRP A 292 -9.54 -13.03 -13.77
N LYS A 293 -10.55 -12.42 -14.36
CA LYS A 293 -10.36 -11.37 -15.38
C LYS A 293 -9.52 -10.20 -14.85
N MET A 294 -9.79 -9.77 -13.62
CA MET A 294 -9.02 -8.70 -12.99
C MET A 294 -7.59 -9.15 -12.69
N GLN A 295 -7.44 -10.39 -12.22
CA GLN A 295 -6.12 -10.98 -11.96
C GLN A 295 -5.24 -11.05 -13.20
N LYS A 296 -5.81 -11.48 -14.33
CA LYS A 296 -5.11 -11.49 -15.62
C LYS A 296 -4.62 -10.11 -16.04
N LYS A 297 -5.43 -9.08 -15.78
CA LYS A 297 -5.07 -7.70 -16.08
C LYS A 297 -3.76 -7.30 -15.40
N TYR A 298 -3.68 -7.52 -14.09
CA TYR A 298 -2.49 -7.13 -13.33
C TYR A 298 -1.32 -8.08 -13.50
N LEU A 299 -1.64 -9.34 -13.83
CA LEU A 299 -0.63 -10.32 -14.21
C LEU A 299 0.10 -9.86 -15.48
N ASP A 300 -0.67 -9.34 -16.45
CA ASP A 300 -0.11 -8.73 -17.65
C ASP A 300 0.78 -7.51 -17.35
N GLN A 301 0.32 -6.66 -16.44
CA GLN A 301 1.10 -5.51 -15.96
C GLN A 301 2.44 -5.94 -15.36
N ILE A 302 2.38 -6.95 -14.48
CA ILE A 302 3.55 -7.48 -13.79
C ILE A 302 4.55 -8.06 -14.80
N ASP A 303 4.04 -8.87 -15.72
CA ASP A 303 4.86 -9.50 -16.77
C ASP A 303 5.67 -8.49 -17.57
N GLU A 304 5.03 -7.38 -17.93
CA GLU A 304 5.72 -6.34 -18.66
C GLU A 304 6.68 -5.50 -17.82
N LEU A 305 6.22 -5.04 -16.65
CA LEU A 305 7.04 -4.21 -15.77
C LEU A 305 8.32 -4.92 -15.33
N TYR A 306 8.22 -6.22 -15.08
CA TYR A 306 9.33 -6.99 -14.53
C TYR A 306 9.77 -8.13 -15.45
N GLU A 307 10.10 -7.78 -16.70
CA GLU A 307 10.44 -8.79 -17.71
C GLU A 307 11.73 -9.57 -17.43
N ASP A 308 12.65 -8.97 -16.69
CA ASP A 308 13.91 -9.62 -16.31
C ASP A 308 13.81 -10.35 -14.96
N PHE A 309 12.61 -10.43 -14.40
CA PHE A 309 12.36 -11.08 -13.12
C PHE A 309 11.79 -12.47 -13.33
N HIS A 310 12.09 -13.39 -12.40
CA HIS A 310 11.35 -14.64 -12.33
C HIS A 310 9.98 -14.30 -11.74
N VAL A 311 8.94 -14.35 -12.56
CA VAL A 311 7.59 -14.09 -12.10
C VAL A 311 6.87 -15.43 -11.96
N VAL A 312 6.75 -15.91 -10.73
CA VAL A 312 6.21 -17.24 -10.51
C VAL A 312 4.76 -17.23 -10.03
N LYS A 313 3.92 -17.87 -10.82
CA LYS A 313 2.47 -17.75 -10.71
C LYS A 313 1.88 -18.96 -10.01
N MET A 314 1.33 -18.72 -8.82
CA MET A 314 0.91 -19.80 -7.94
C MET A 314 -0.60 -19.82 -7.77
N PRO A 315 -1.20 -21.03 -7.80
CA PRO A 315 -2.65 -21.18 -7.74
C PRO A 315 -3.24 -20.93 -6.35
N LEU A 316 -4.46 -20.42 -6.32
CA LEU A 316 -5.23 -20.37 -5.07
C LEU A 316 -5.60 -21.79 -4.64
N CYS A 317 -5.41 -22.08 -3.36
CA CYS A 317 -5.98 -23.28 -2.76
C CYS A 317 -7.11 -22.92 -1.81
N ALA A 318 -8.22 -23.65 -1.89
CA ALA A 318 -9.32 -23.51 -0.94
C ALA A 318 -8.79 -23.85 0.45
N GLY A 319 -8.56 -22.82 1.24
CA GLY A 319 -8.05 -22.99 2.59
C GLY A 319 -6.59 -22.62 2.75
N GLU A 320 -5.97 -23.22 3.76
CA GLU A 320 -4.69 -22.76 4.32
C GLU A 320 -3.43 -23.22 3.58
N ILE A 321 -3.31 -24.52 3.37
CA ILE A 321 -2.03 -25.22 3.10
C ILE A 321 -1.17 -25.21 4.36
N ARG A 322 -1.36 -26.23 5.18
CA ARG A 322 -0.59 -26.44 6.39
C ARG A 322 -0.07 -27.87 6.43
N GLY A 323 1.02 -28.07 7.16
CA GLY A 323 1.62 -29.39 7.28
C GLY A 323 2.57 -29.68 6.14
N LEU A 324 3.60 -30.47 6.46
CA LEU A 324 4.65 -30.81 5.50
C LEU A 324 4.10 -31.44 4.22
N ASN A 325 3.14 -32.35 4.34
CA ASN A 325 2.56 -33.01 3.16
C ASN A 325 1.99 -32.03 2.14
N ASN A 326 1.05 -31.18 2.57
CA ASN A 326 0.41 -30.22 1.66
C ASN A 326 1.39 -29.16 1.16
N LEU A 327 2.29 -28.71 2.02
CA LEU A 327 3.30 -27.71 1.66
C LEU A 327 4.30 -28.24 0.64
N THR A 328 4.73 -29.49 0.74
CA THR A 328 5.64 -30.02 -0.29
C THR A 328 4.97 -30.23 -1.64
N LYS A 329 3.69 -30.58 -1.64
CA LYS A 329 2.95 -30.76 -2.90
C LYS A 329 2.71 -29.43 -3.62
N PHE A 330 2.37 -28.40 -2.84
CA PHE A 330 2.16 -27.05 -3.35
C PHE A 330 3.49 -26.45 -3.81
N SER A 331 4.55 -26.62 -3.02
CA SER A 331 5.84 -25.99 -3.25
C SER A 331 6.54 -26.38 -4.57
N GLN A 332 6.17 -27.54 -5.14
CA GLN A 332 6.75 -28.01 -6.39
C GLN A 332 6.53 -27.04 -7.56
N PHE A 333 5.46 -26.24 -7.46
CA PHE A 333 5.12 -25.27 -8.51
C PHE A 333 5.98 -23.99 -8.46
N LEU A 334 6.87 -23.90 -7.47
CA LEU A 334 7.94 -22.88 -7.46
C LEU A 334 9.12 -23.30 -8.31
N ASN A 335 9.29 -24.61 -8.45
CA ASN A 335 10.40 -25.16 -9.21
C ASN A 335 10.02 -25.33 -10.68
N LYS A 336 8.86 -25.91 -10.91
CA LYS A 336 8.32 -26.11 -12.24
C LYS A 336 6.92 -25.50 -12.29
N GLU A 337 6.73 -24.56 -13.21
CA GLU A 337 5.49 -23.77 -13.34
C GLU A 337 4.23 -24.60 -13.24
N TYR A 338 3.33 -24.16 -12.37
CA TYR A 338 1.98 -24.67 -12.34
C TYR A 338 1.34 -24.53 -13.72
N ASN A 339 0.74 -25.62 -14.18
CA ASN A 339 -0.03 -25.64 -15.41
C ASN A 339 -1.46 -25.98 -15.05
N PRO A 340 -2.38 -25.00 -15.15
CA PRO A 340 -3.80 -25.16 -14.78
C PRO A 340 -4.50 -26.34 -15.46
N ILE A 341 -4.12 -26.65 -16.70
CA ILE A 341 -4.69 -27.78 -17.43
C ILE A 341 -4.22 -29.12 -16.84
N THR A 342 -2.94 -29.20 -16.50
CA THR A 342 -2.29 -30.45 -16.06
C THR A 342 -2.42 -30.67 -14.56
N ASP A 343 -2.25 -29.60 -13.79
CA ASP A 343 -1.99 -29.69 -12.36
C ASP A 343 -3.18 -29.37 -11.46
N GLY A 344 -4.32 -29.06 -12.07
CA GLY A 344 -5.53 -28.70 -11.33
C GLY A 344 -5.93 -29.72 -10.29
N LYS A 345 -5.75 -31.00 -10.64
CA LYS A 345 -6.09 -32.14 -9.78
C LYS A 345 -5.24 -32.19 -8.50
N VAL A 346 -3.99 -31.73 -8.59
CA VAL A 346 -3.09 -31.68 -7.43
C VAL A 346 -3.61 -30.68 -6.38
N ILE A 347 -4.11 -29.54 -6.85
CA ILE A 347 -4.70 -28.52 -5.98
C ILE A 347 -6.01 -29.03 -5.33
N TYR A 348 -6.74 -29.87 -6.07
CA TYR A 348 -7.93 -30.54 -5.52
C TYR A 348 -7.55 -31.58 -4.44
N GLU A 349 -6.41 -32.24 -4.63
CA GLU A 349 -5.87 -33.22 -3.68
C GLU A 349 -5.53 -32.64 -2.30
N LEU A 350 -5.28 -31.33 -2.24
CA LEU A 350 -4.86 -30.67 -1.00
C LEU A 350 -6.02 -30.42 -0.05
N VAL B 5 -24.88 6.78 14.20
CA VAL B 5 -24.35 7.12 12.84
C VAL B 5 -24.80 6.06 11.85
N GLU B 6 -25.69 6.44 10.95
CA GLU B 6 -26.33 5.50 10.03
C GLU B 6 -25.36 4.97 8.98
N PRO B 7 -25.49 3.67 8.63
CA PRO B 7 -24.62 3.07 7.62
C PRO B 7 -25.06 3.43 6.18
N ASN B 8 -25.24 4.73 5.93
CA ASN B 8 -25.64 5.24 4.62
C ASN B 8 -25.25 6.70 4.45
N LEU B 9 -25.42 7.22 3.23
CA LEU B 9 -25.11 8.61 2.91
C LEU B 9 -26.36 9.49 2.80
N HIS B 10 -27.45 9.07 3.43
CA HIS B 10 -28.74 9.79 3.33
C HIS B 10 -28.69 11.27 3.72
N SER B 11 -28.01 11.58 4.82
CA SER B 11 -27.90 12.96 5.30
C SER B 11 -27.08 13.85 4.35
N LEU B 12 -26.08 13.27 3.69
CA LEU B 12 -25.31 13.97 2.66
C LEU B 12 -26.15 14.16 1.39
N ILE B 13 -26.81 13.09 0.95
CA ILE B 13 -27.63 13.08 -0.26
C ILE B 13 -28.75 14.14 -0.23
N THR B 14 -29.28 14.40 0.96
CA THR B 14 -30.39 15.33 1.13
C THR B 14 -29.94 16.67 1.74
N SER B 15 -28.64 16.82 1.96
CA SER B 15 -28.09 18.05 2.50
C SER B 15 -28.30 19.20 1.53
N THR B 16 -28.72 20.34 2.04
CA THR B 16 -28.85 21.53 1.23
C THR B 16 -27.73 22.56 1.48
N THR B 17 -26.77 22.21 2.33
CA THR B 17 -25.68 23.12 2.67
C THR B 17 -24.38 22.85 1.92
N HIS B 18 -24.15 21.58 1.58
CA HIS B 18 -22.91 21.18 0.89
C HIS B 18 -22.89 21.62 -0.57
N LYS B 19 -21.79 22.29 -0.95
CA LYS B 19 -21.59 22.68 -2.34
C LYS B 19 -20.38 22.02 -2.99
N TRP B 20 -19.54 21.38 -2.18
CA TRP B 20 -18.33 20.73 -2.68
C TRP B 20 -18.19 19.34 -2.08
N ILE B 21 -18.36 18.33 -2.93
CA ILE B 21 -18.25 16.94 -2.48
C ILE B 21 -17.11 16.27 -3.20
N PHE B 22 -16.09 15.87 -2.44
CA PHE B 22 -14.97 15.10 -2.98
C PHE B 22 -15.21 13.62 -2.76
N VAL B 23 -14.88 12.82 -3.78
CA VAL B 23 -14.99 11.38 -3.71
C VAL B 23 -13.64 10.81 -4.15
N GLY B 24 -13.07 9.93 -3.32
CA GLY B 24 -11.75 9.38 -3.60
C GLY B 24 -11.48 8.01 -3.01
N GLY B 25 -10.55 7.29 -3.65
CA GLY B 25 -10.20 5.92 -3.27
C GLY B 25 -9.31 5.29 -4.33
N LYS B 26 -8.17 4.77 -3.88
CA LYS B 26 -7.14 4.25 -4.77
C LYS B 26 -7.23 2.72 -4.89
N GLY B 27 -7.01 2.21 -6.10
CA GLY B 27 -6.76 0.80 -6.33
C GLY B 27 -7.84 -0.07 -6.93
N GLY B 28 -8.63 0.48 -7.85
CA GLY B 28 -9.74 -0.26 -8.49
C GLY B 28 -10.78 -0.64 -7.44
N VAL B 29 -11.37 0.39 -6.85
CA VAL B 29 -12.06 0.25 -5.58
C VAL B 29 -13.55 0.62 -5.70
N GLY B 30 -13.97 0.87 -6.94
CA GLY B 30 -15.34 1.26 -7.25
C GLY B 30 -15.54 2.76 -7.13
N LYS B 31 -14.45 3.51 -7.17
CA LYS B 31 -14.46 4.96 -6.96
C LYS B 31 -15.35 5.71 -7.97
N THR B 32 -15.20 5.43 -9.26
CA THR B 32 -15.94 6.20 -10.26
C THR B 32 -17.43 5.84 -10.27
N THR B 33 -17.76 4.57 -10.00
CA THR B 33 -19.14 4.16 -9.80
C THR B 33 -19.76 4.93 -8.62
N SER B 34 -18.98 5.08 -7.54
CA SER B 34 -19.40 5.79 -6.34
C SER B 34 -19.60 7.30 -6.59
N SER B 35 -18.69 7.91 -7.35
CA SER B 35 -18.82 9.32 -7.75
C SER B 35 -20.11 9.53 -8.53
N CYS B 36 -20.32 8.68 -9.54
CA CYS B 36 -21.52 8.73 -10.37
C CYS B 36 -22.77 8.50 -9.54
N SER B 37 -22.68 7.54 -8.62
CA SER B 37 -23.81 7.16 -7.77
C SER B 37 -24.25 8.24 -6.80
N ILE B 38 -23.27 8.90 -6.18
CA ILE B 38 -23.52 10.02 -5.26
C ILE B 38 -24.15 11.19 -6.02
N ALA B 39 -23.64 11.46 -7.21
CA ALA B 39 -24.15 12.54 -8.06
C ALA B 39 -25.60 12.28 -8.47
N ILE B 40 -25.90 11.05 -8.87
CA ILE B 40 -27.26 10.67 -9.27
C ILE B 40 -28.23 10.76 -8.10
N GLN B 41 -27.85 10.19 -6.96
CA GLN B 41 -28.67 10.23 -5.75
C GLN B 41 -29.02 11.64 -5.30
N MET B 42 -28.04 12.55 -5.38
CA MET B 42 -28.26 13.94 -4.98
C MET B 42 -29.13 14.69 -5.96
N ALA B 43 -28.90 14.44 -7.26
CA ALA B 43 -29.70 15.05 -8.31
C ALA B 43 -31.16 14.58 -8.29
N LEU B 44 -31.37 13.27 -8.14
CA LEU B 44 -32.73 12.72 -8.03
C LEU B 44 -33.46 13.20 -6.78
N SER B 45 -32.72 13.34 -5.68
CA SER B 45 -33.30 13.73 -4.39
C SER B 45 -33.56 15.22 -4.28
N GLN B 46 -32.83 16.02 -5.05
CA GLN B 46 -32.98 17.48 -5.01
C GLN B 46 -33.13 18.03 -6.44
N PRO B 47 -34.31 17.78 -7.07
CA PRO B 47 -34.58 18.14 -8.48
C PRO B 47 -34.58 19.65 -8.75
N ASN B 48 -34.67 20.44 -7.68
CA ASN B 48 -34.68 21.90 -7.79
C ASN B 48 -33.28 22.53 -7.86
N LYS B 49 -32.26 21.73 -7.54
CA LYS B 49 -30.86 22.17 -7.55
C LYS B 49 -30.11 21.60 -8.74
N GLN B 50 -29.08 22.31 -9.22
CA GLN B 50 -28.29 21.83 -10.36
C GLN B 50 -26.95 21.27 -9.91
N PHE B 51 -26.61 20.09 -10.43
CA PHE B 51 -25.42 19.37 -10.00
C PHE B 51 -24.44 19.17 -11.14
N LEU B 52 -23.17 19.28 -10.80
CA LEU B 52 -22.09 19.00 -11.74
C LEU B 52 -21.20 17.91 -11.15
N LEU B 53 -20.91 16.90 -11.97
CA LEU B 53 -19.94 15.88 -11.64
C LEU B 53 -18.74 16.06 -12.58
N ILE B 54 -17.56 16.25 -11.99
CA ILE B 54 -16.37 16.57 -12.75
C ILE B 54 -15.22 15.61 -12.48
N SER B 55 -14.55 15.21 -13.55
CA SER B 55 -13.41 14.30 -13.51
C SER B 55 -12.21 14.94 -14.19
N THR B 56 -11.02 14.54 -13.77
CA THR B 56 -9.78 14.95 -14.45
C THR B 56 -8.99 13.73 -14.96
N ASP B 57 -9.63 12.56 -14.90
CA ASP B 57 -9.05 11.31 -15.36
C ASP B 57 -8.92 11.31 -16.88
N PRO B 58 -7.67 11.16 -17.40
CA PRO B 58 -7.44 11.10 -18.85
C PRO B 58 -8.10 9.89 -19.53
N ALA B 59 -8.44 8.88 -18.75
CA ALA B 59 -9.13 7.68 -19.25
C ALA B 59 -10.60 7.94 -19.62
N HIS B 60 -11.10 9.13 -19.24
CA HIS B 60 -12.50 9.52 -19.42
C HIS B 60 -13.45 8.50 -18.78
N ASN B 61 -13.33 8.39 -17.46
CA ASN B 61 -14.07 7.42 -16.66
C ASN B 61 -15.58 7.67 -16.59
N LEU B 62 -15.98 8.93 -16.66
CA LEU B 62 -17.40 9.30 -16.61
C LEU B 62 -18.12 8.98 -17.91
N SER B 63 -17.43 9.23 -19.02
CA SER B 63 -17.90 8.84 -20.35
C SER B 63 -18.10 7.33 -20.44
N ASP B 64 -17.14 6.58 -19.89
CA ASP B 64 -17.20 5.12 -19.81
C ASP B 64 -18.38 4.66 -18.94
N ALA B 65 -18.54 5.30 -17.78
CA ALA B 65 -19.57 4.92 -16.82
C ALA B 65 -21.00 5.21 -17.29
N PHE B 66 -21.20 6.36 -17.94
CA PHE B 66 -22.53 6.74 -18.43
C PHE B 66 -22.81 6.26 -19.85
N GLY B 67 -21.77 5.96 -20.61
CA GLY B 67 -21.91 5.50 -21.98
C GLY B 67 -22.23 6.62 -22.96
N GLU B 68 -21.71 7.81 -22.68
CA GLU B 68 -21.87 8.96 -23.58
C GLU B 68 -20.67 9.90 -23.51
N LYS B 69 -20.46 10.69 -24.56
CA LYS B 69 -19.27 11.53 -24.67
C LYS B 69 -19.33 12.80 -23.82
N PHE B 70 -18.45 12.87 -22.82
CA PHE B 70 -18.27 14.07 -22.02
C PHE B 70 -16.92 14.73 -22.32
N GLY B 71 -16.85 16.04 -22.12
CA GLY B 71 -15.64 16.80 -22.39
C GLY B 71 -15.53 18.05 -21.54
N LYS B 72 -14.76 19.01 -22.03
CA LYS B 72 -14.52 20.28 -21.32
C LYS B 72 -15.79 21.12 -21.20
N ASP B 73 -16.71 20.94 -22.14
CA ASP B 73 -18.01 21.59 -22.11
C ASP B 73 -18.99 20.75 -21.30
N ALA B 74 -19.63 21.38 -20.32
CA ALA B 74 -20.62 20.71 -19.49
C ALA B 74 -21.82 20.25 -20.32
N ARG B 75 -22.18 18.98 -20.17
CA ARG B 75 -23.36 18.42 -20.83
C ARG B 75 -24.21 17.68 -19.81
N LYS B 76 -25.52 17.85 -19.89
CA LYS B 76 -26.46 17.10 -19.06
C LYS B 76 -26.33 15.62 -19.42
N VAL B 77 -26.38 14.76 -18.40
CA VAL B 77 -26.39 13.32 -18.71
C VAL B 77 -27.78 12.99 -19.21
N THR B 78 -27.85 12.26 -20.33
CA THR B 78 -29.12 11.95 -20.97
C THR B 78 -30.01 11.18 -20.00
N GLY B 79 -31.23 11.67 -19.81
CA GLY B 79 -32.17 11.08 -18.85
C GLY B 79 -32.31 11.89 -17.57
N MET B 80 -31.41 12.86 -17.40
CA MET B 80 -31.44 13.79 -16.28
C MET B 80 -31.53 15.21 -16.83
N ASN B 81 -32.29 16.08 -16.18
CA ASN B 81 -32.23 17.50 -16.49
C ASN B 81 -31.56 18.25 -15.35
N ASN B 82 -30.96 17.47 -14.45
CA ASN B 82 -30.49 17.96 -13.17
C ASN B 82 -28.99 17.79 -12.94
N LEU B 83 -28.41 16.82 -13.65
CA LEU B 83 -27.00 16.49 -13.47
C LEU B 83 -26.22 16.67 -14.77
N SER B 84 -25.09 17.37 -14.67
CA SER B 84 -24.17 17.53 -15.79
C SER B 84 -22.81 16.93 -15.46
N CYS B 85 -22.05 16.54 -16.49
CA CYS B 85 -20.70 16.03 -16.30
C CYS B 85 -19.68 16.83 -17.09
N MET B 86 -18.48 16.91 -16.52
CA MET B 86 -17.32 17.49 -17.21
C MET B 86 -16.14 16.53 -17.09
N GLU B 87 -15.36 16.45 -18.17
CA GLU B 87 -14.09 15.75 -18.14
C GLU B 87 -13.03 16.67 -18.72
N ILE B 88 -12.09 17.08 -17.88
CA ILE B 88 -11.07 18.04 -18.29
C ILE B 88 -9.66 17.53 -18.03
N ASP B 89 -8.74 17.96 -18.89
CA ASP B 89 -7.32 17.70 -18.71
C ASP B 89 -6.71 18.96 -18.07
N PRO B 90 -6.39 18.89 -16.77
CA PRO B 90 -5.82 20.06 -16.08
C PRO B 90 -4.33 20.25 -16.42
N SER B 91 -3.69 19.19 -16.91
CA SER B 91 -2.31 19.22 -17.36
C SER B 91 -2.17 20.07 -18.63
N ALA B 92 -3.21 20.06 -19.46
CA ALA B 92 -3.25 20.84 -20.69
C ALA B 92 -3.33 22.34 -20.41
N LEU B 117 8.00 37.73 -24.01
CA LEU B 117 6.99 37.84 -22.97
C LEU B 117 7.50 37.31 -21.63
N GLY B 118 7.17 38.02 -20.56
CA GLY B 118 7.62 37.66 -19.21
C GLY B 118 6.89 36.48 -18.61
N SER B 119 5.82 36.04 -19.27
CA SER B 119 5.04 34.89 -18.83
C SER B 119 5.79 33.57 -19.00
N LEU B 120 6.68 33.51 -20.00
CA LEU B 120 7.55 32.36 -20.22
C LEU B 120 8.60 32.23 -19.11
N LEU B 121 9.04 33.37 -18.59
CA LEU B 121 9.92 33.40 -17.41
C LEU B 121 9.13 33.07 -16.15
N GLN B 122 7.90 33.59 -16.08
CA GLN B 122 7.01 33.38 -14.94
C GLN B 122 6.59 31.92 -14.82
N GLY B 123 6.38 31.28 -15.97
CA GLY B 123 5.99 29.87 -16.03
C GLY B 123 7.15 28.92 -15.77
N GLY B 124 8.31 29.22 -16.35
CA GLY B 124 9.53 28.43 -16.17
C GLY B 124 10.02 28.39 -14.74
N ALA B 125 9.90 29.52 -14.04
CA ALA B 125 10.24 29.62 -12.63
C ALA B 125 9.25 28.82 -11.78
N LEU B 126 7.99 28.86 -12.17
CA LEU B 126 6.91 28.18 -11.46
C LEU B 126 6.94 26.66 -11.71
N ALA B 127 7.41 26.28 -12.89
CA ALA B 127 7.59 24.86 -13.25
C ALA B 127 8.68 24.21 -12.42
N ASP B 128 9.77 24.95 -12.18
CA ASP B 128 10.88 24.50 -11.35
C ASP B 128 10.44 24.22 -9.91
N LEU B 129 9.40 24.93 -9.48
CA LEU B 129 8.87 24.82 -8.12
C LEU B 129 7.93 23.62 -7.92
N THR B 130 7.26 23.20 -8.98
CA THR B 130 6.32 22.08 -8.92
C THR B 130 7.02 20.76 -8.54
N GLY B 131 8.24 20.59 -9.03
CA GLY B 131 9.02 19.38 -8.77
C GLY B 131 9.61 19.31 -7.36
N SER B 132 9.90 20.47 -6.78
CA SER B 132 10.60 20.53 -5.49
C SER B 132 9.74 20.95 -4.29
N ILE B 133 8.67 21.69 -4.53
CA ILE B 133 7.81 22.17 -3.43
C ILE B 133 6.40 21.56 -3.50
N PRO B 134 6.03 20.77 -2.47
CA PRO B 134 4.74 20.10 -2.43
C PRO B 134 3.56 21.07 -2.33
N GLY B 135 2.55 20.86 -3.17
CA GLY B 135 1.33 21.67 -3.12
C GLY B 135 1.18 22.67 -4.24
N ILE B 136 2.29 23.08 -4.85
CA ILE B 136 2.27 24.06 -5.95
C ILE B 136 1.63 23.45 -7.21
N ASP B 137 2.10 22.27 -7.60
CA ASP B 137 1.56 21.54 -8.74
C ASP B 137 0.06 21.29 -8.56
N GLU B 138 -0.32 20.88 -7.36
CA GLU B 138 -1.71 20.60 -7.01
C GLU B 138 -2.59 21.86 -7.02
N ALA B 139 -2.02 22.98 -6.59
CA ALA B 139 -2.72 24.27 -6.57
C ALA B 139 -3.02 24.77 -7.97
N LEU B 140 -2.00 24.73 -8.84
CA LEU B 140 -2.14 25.14 -10.23
C LEU B 140 -3.14 24.27 -10.99
N SER B 141 -3.12 22.98 -10.70
CA SER B 141 -4.03 22.02 -11.31
C SER B 141 -5.47 22.30 -10.90
N PHE B 142 -5.71 22.48 -9.60
CA PHE B 142 -7.06 22.72 -9.10
C PHE B 142 -7.59 24.11 -9.43
N MET B 143 -6.71 25.10 -9.47
CA MET B 143 -7.09 26.44 -9.93
C MET B 143 -7.61 26.40 -11.37
N GLU B 144 -6.99 25.54 -12.18
CA GLU B 144 -7.42 25.33 -13.56
C GLU B 144 -8.81 24.66 -13.66
N VAL B 145 -9.10 23.70 -12.79
CA VAL B 145 -10.42 23.06 -12.79
C VAL B 145 -11.51 24.06 -12.39
N MET B 146 -11.20 24.93 -11.41
CA MET B 146 -12.12 25.97 -10.97
C MET B 146 -12.41 27.01 -12.05
N LYS B 147 -11.40 27.31 -12.86
CA LYS B 147 -11.54 28.20 -14.02
C LYS B 147 -12.50 27.63 -15.05
N HIS B 148 -12.38 26.32 -15.29
CA HIS B 148 -13.27 25.62 -16.22
C HIS B 148 -14.73 25.64 -15.75
N ILE B 149 -14.94 25.51 -14.44
CA ILE B 149 -16.28 25.54 -13.85
C ILE B 149 -16.97 26.88 -14.12
N LYS B 150 -16.34 27.97 -13.69
CA LYS B 150 -16.92 29.31 -13.81
C LYS B 150 -17.13 29.78 -15.25
N ARG B 151 -16.30 29.24 -16.16
CA ARG B 151 -16.46 29.49 -17.59
C ARG B 151 -17.73 28.84 -18.14
N GLN B 152 -18.02 27.63 -17.66
CA GLN B 152 -19.22 26.89 -18.04
C GLN B 152 -20.49 27.51 -17.45
N GLU B 153 -20.33 28.17 -16.30
CA GLU B 153 -21.45 28.80 -15.59
C GLU B 153 -21.87 30.14 -16.23
N GLN B 154 -20.90 31.00 -16.53
CA GLN B 154 -21.19 32.30 -17.14
C GLN B 154 -21.77 32.17 -18.55
N GLY B 155 -21.30 31.18 -19.30
CA GLY B 155 -21.83 30.89 -20.63
C GLY B 155 -23.01 29.93 -20.58
N GLU B 156 -24.08 30.37 -19.91
CA GLU B 156 -25.34 29.62 -19.80
C GLU B 156 -25.16 28.17 -19.31
N GLY B 157 -24.95 28.02 -18.00
CA GLY B 157 -24.77 26.72 -17.35
C GLY B 157 -25.87 26.36 -16.36
N GLU B 158 -26.37 27.34 -15.59
CA GLU B 158 -25.84 28.69 -15.53
C GLU B 158 -25.10 28.92 -14.21
N THR B 159 -25.39 28.03 -13.25
CA THR B 159 -24.75 28.02 -11.96
C THR B 159 -25.06 26.69 -11.30
N PHE B 160 -24.02 25.99 -10.86
CA PHE B 160 -24.20 24.73 -10.17
C PHE B 160 -24.27 24.98 -8.68
N ASP B 161 -25.27 24.37 -8.05
CA ASP B 161 -25.47 24.52 -6.62
C ASP B 161 -24.47 23.68 -5.84
N THR B 162 -24.16 22.49 -6.36
CA THR B 162 -23.12 21.66 -5.76
C THR B 162 -22.31 20.93 -6.82
N VAL B 163 -21.01 20.86 -6.56
CA VAL B 163 -20.06 20.20 -7.45
C VAL B 163 -19.57 18.92 -6.79
N ILE B 164 -19.66 17.81 -7.53
CA ILE B 164 -19.10 16.53 -7.10
C ILE B 164 -17.76 16.34 -7.81
N PHE B 165 -16.68 16.36 -7.02
CA PHE B 165 -15.34 16.15 -7.56
C PHE B 165 -14.97 14.68 -7.56
N ASP B 166 -14.99 14.09 -8.74
CA ASP B 166 -14.45 12.75 -8.95
C ASP B 166 -12.93 12.91 -9.05
N THR B 167 -12.24 12.69 -7.92
CA THR B 167 -10.79 12.91 -7.84
C THR B 167 -10.00 11.89 -8.66
N ALA B 168 -8.85 12.34 -9.16
CA ALA B 168 -7.95 11.50 -9.95
C ALA B 168 -7.45 10.32 -9.13
N PRO B 169 -7.28 9.16 -9.78
CA PRO B 169 -6.75 7.96 -9.11
C PRO B 169 -5.32 8.11 -8.60
N THR B 170 -4.51 8.92 -9.30
CA THR B 170 -3.12 9.13 -8.92
C THR B 170 -2.89 10.51 -8.30
N GLY B 171 -1.94 10.58 -7.37
CA GLY B 171 -1.53 11.86 -6.79
C GLY B 171 -2.35 12.29 -5.60
N HIS B 172 -1.79 13.21 -4.82
CA HIS B 172 -2.48 13.76 -3.65
C HIS B 172 -3.07 15.11 -4.03
N THR B 173 -4.23 15.05 -4.67
CA THR B 173 -4.78 16.21 -5.38
C THR B 173 -5.22 17.39 -4.51
N LEU B 174 -5.42 17.14 -3.21
CA LEU B 174 -5.79 18.20 -2.26
C LEU B 174 -4.60 18.77 -1.47
N ARG B 175 -3.38 18.44 -1.89
CA ARG B 175 -2.15 18.85 -1.19
C ARG B 175 -1.97 20.38 -1.13
N PHE B 176 -2.60 21.10 -2.07
CA PHE B 176 -2.55 22.55 -2.11
C PHE B 176 -3.09 23.23 -0.84
N LEU B 177 -3.86 22.47 -0.06
CA LEU B 177 -4.44 22.99 1.20
C LEU B 177 -3.40 23.25 2.29
N GLN B 178 -2.23 22.65 2.16
CA GLN B 178 -1.11 22.89 3.09
C GLN B 178 -0.12 23.94 2.55
N LEU B 179 -0.35 24.39 1.31
CA LEU B 179 0.57 25.30 0.64
C LEU B 179 0.73 26.66 1.35
N PRO B 180 -0.38 27.33 1.73
CA PRO B 180 -0.28 28.62 2.41
C PRO B 180 0.64 28.58 3.64
N ASN B 181 0.60 27.47 4.39
CA ASN B 181 1.48 27.27 5.53
C ASN B 181 2.91 26.92 5.12
N THR B 182 3.04 26.04 4.13
CA THR B 182 4.34 25.59 3.65
C THR B 182 5.21 26.76 3.16
N LEU B 183 4.63 27.60 2.31
CA LEU B 183 5.40 28.65 1.64
C LEU B 183 5.54 29.93 2.48
N SER B 184 4.75 30.05 3.55
CA SER B 184 4.91 31.15 4.50
C SER B 184 5.99 30.82 5.52
N LYS B 185 6.12 29.53 5.86
CA LYS B 185 7.21 29.05 6.70
C LYS B 185 8.54 29.12 5.95
N LEU B 186 8.48 28.96 4.63
CA LEU B 186 9.65 29.08 3.76
C LEU B 186 10.08 30.54 3.59
N LEU B 187 9.11 31.46 3.59
CA LEU B 187 9.39 32.90 3.50
C LEU B 187 10.03 33.46 4.77
N GLU B 188 9.72 32.86 5.91
CA GLU B 188 10.31 33.26 7.19
C GLU B 188 11.76 32.80 7.29
N LYS B 189 12.03 31.59 6.81
CA LYS B 189 13.39 31.06 6.72
C LYS B 189 14.21 31.86 5.71
N PHE B 190 13.56 32.29 4.64
CA PHE B 190 14.15 33.19 3.65
C PHE B 190 14.47 34.54 4.28
N GLY B 191 13.54 35.05 5.10
CA GLY B 191 13.69 36.34 5.78
C GLY B 191 14.75 36.35 6.86
N GLU B 192 14.96 35.19 7.50
CA GLU B 192 15.97 35.04 8.54
C GLU B 192 17.38 35.02 7.95
N ILE B 193 17.55 34.25 6.88
CA ILE B 193 18.87 34.03 6.27
C ILE B 193 19.37 35.25 5.47
N THR B 194 18.52 35.79 4.60
CA THR B 194 18.88 36.95 3.78
C THR B 194 19.37 38.14 4.59
N ASN B 195 18.81 38.32 5.79
CA ASN B 195 19.17 39.43 6.67
C ASN B 195 20.48 39.26 7.45
N LYS B 196 21.31 38.31 7.03
CA LYS B 196 22.59 38.03 7.68
C LYS B 196 23.62 39.13 7.42
N LEU B 197 24.07 39.24 6.17
CA LEU B 197 25.08 40.21 5.74
C LEU B 197 24.79 40.62 4.30
N GLY B 198 25.02 41.89 4.00
CA GLY B 198 24.79 42.40 2.65
C GLY B 198 25.02 43.89 2.46
N PRO B 199 24.55 44.44 1.33
CA PRO B 199 23.80 43.72 0.29
C PRO B 199 24.72 43.10 -0.77
N MET B 200 26.00 42.95 -0.43
CA MET B 200 27.01 42.34 -1.30
C MET B 200 26.63 40.92 -1.70
N LEU B 201 26.38 40.07 -0.69
CA LEU B 201 26.05 38.68 -0.91
C LEU B 201 24.62 38.49 -1.42
N ASN B 202 23.71 39.35 -0.99
CA ASN B 202 22.29 39.30 -1.39
C ASN B 202 22.08 39.52 -2.88
N SER B 203 22.83 40.48 -3.43
CA SER B 203 22.72 40.84 -4.84
C SER B 203 23.41 39.83 -5.74
N PHE B 204 24.46 39.20 -5.22
CA PHE B 204 25.25 38.20 -5.95
C PHE B 204 24.42 36.95 -6.25
N MET B 205 23.80 36.37 -5.22
CA MET B 205 22.96 35.18 -5.38
C MET B 205 21.60 35.52 -6.01
N GLY B 206 21.12 36.74 -5.77
CA GLY B 206 19.85 37.20 -6.34
C GLY B 206 20.00 37.90 -7.67
N ALA B 207 21.10 37.62 -8.37
CA ALA B 207 21.37 38.19 -9.69
C ALA B 207 20.62 37.43 -10.78
N GLY B 208 19.83 38.15 -11.58
CA GLY B 208 18.97 37.55 -12.58
C GLY B 208 17.80 36.81 -11.93
N ASN B 209 17.40 37.29 -10.76
CA ASN B 209 16.29 36.70 -10.03
C ASN B 209 14.96 37.12 -10.63
N VAL B 210 14.24 36.17 -11.22
CA VAL B 210 12.86 36.38 -11.62
C VAL B 210 12.04 36.41 -10.34
N ASP B 211 11.30 37.50 -10.16
CA ASP B 211 10.62 37.80 -8.88
C ASP B 211 9.54 36.77 -8.52
N ILE B 212 8.62 36.52 -9.45
CA ILE B 212 7.45 35.63 -9.26
C ILE B 212 6.74 35.69 -7.89
N SER B 213 6.96 36.76 -7.13
CA SER B 213 6.33 36.95 -5.83
C SER B 213 4.85 37.27 -5.96
N GLY B 214 4.51 38.09 -6.95
CA GLY B 214 3.12 38.48 -7.21
C GLY B 214 2.26 37.33 -7.70
N LYS B 215 2.88 36.42 -8.45
CA LYS B 215 2.20 35.23 -8.98
C LYS B 215 2.08 34.15 -7.91
N LEU B 216 3.03 34.14 -6.98
CA LEU B 216 3.05 33.17 -5.88
C LEU B 216 2.12 33.58 -4.74
N ASN B 217 2.10 34.88 -4.42
CA ASN B 217 1.25 35.40 -3.35
C ASN B 217 -0.23 35.42 -3.70
N GLU B 218 -0.54 35.53 -4.99
CA GLU B 218 -1.93 35.43 -5.45
C GLU B 218 -2.41 33.98 -5.43
N LEU B 219 -1.48 33.06 -5.66
CA LEU B 219 -1.76 31.63 -5.55
C LEU B 219 -2.04 31.27 -4.09
N LYS B 220 -1.26 31.85 -3.18
CA LYS B 220 -1.47 31.71 -1.74
C LYS B 220 -2.82 32.30 -1.32
N ALA B 221 -3.17 33.44 -1.91
CA ALA B 221 -4.46 34.10 -1.65
C ALA B 221 -5.63 33.28 -2.18
N ASN B 222 -5.46 32.70 -3.36
CA ASN B 222 -6.50 31.85 -3.97
C ASN B 222 -6.77 30.60 -3.16
N VAL B 223 -5.71 30.00 -2.61
CA VAL B 223 -5.85 28.81 -1.76
C VAL B 223 -6.54 29.16 -0.44
N GLU B 224 -6.06 30.22 0.22
CA GLU B 224 -6.66 30.69 1.48
C GLU B 224 -8.16 30.98 1.37
N THR B 225 -8.58 31.52 0.21
CA THR B 225 -10.00 31.73 -0.09
C THR B 225 -10.74 30.39 -0.22
N ILE B 226 -10.18 29.47 -0.98
CA ILE B 226 -10.73 28.12 -1.15
C ILE B 226 -10.80 27.37 0.19
N ARG B 227 -9.75 27.52 1.00
CA ARG B 227 -9.66 26.91 2.33
C ARG B 227 -10.83 27.28 3.24
N GLN B 228 -11.33 28.50 3.10
CA GLN B 228 -12.44 28.99 3.92
C GLN B 228 -13.71 28.15 3.73
N GLN B 229 -13.90 27.65 2.51
CA GLN B 229 -15.06 26.83 2.19
C GLN B 229 -14.79 25.34 2.38
N PHE B 230 -13.57 24.92 2.06
CA PHE B 230 -13.19 23.51 2.09
C PHE B 230 -12.95 22.97 3.50
N THR B 231 -12.65 23.85 4.44
CA THR B 231 -12.46 23.44 5.85
C THR B 231 -13.75 23.63 6.67
N ASP B 232 -14.83 24.01 5.98
CA ASP B 232 -16.15 24.17 6.59
C ASP B 232 -16.95 22.89 6.35
N PRO B 233 -17.20 22.10 7.42
CA PRO B 233 -17.84 20.78 7.30
C PRO B 233 -19.28 20.84 6.78
N ASP B 234 -19.90 22.01 6.84
CA ASP B 234 -21.25 22.18 6.31
C ASP B 234 -21.26 22.46 4.81
N LEU B 235 -20.12 22.91 4.29
CA LEU B 235 -20.00 23.24 2.86
C LEU B 235 -19.28 22.16 2.06
N THR B 236 -18.36 21.47 2.71
CA THR B 236 -17.46 20.57 2.00
C THR B 236 -17.23 19.29 2.79
N THR B 237 -17.20 18.16 2.09
CA THR B 237 -16.88 16.88 2.69
C THR B 237 -16.17 15.96 1.69
N PHE B 238 -15.43 15.00 2.23
CA PHE B 238 -14.74 14.00 1.42
C PHE B 238 -15.29 12.62 1.75
N VAL B 239 -15.83 11.93 0.75
CA VAL B 239 -16.27 10.55 0.90
C VAL B 239 -15.17 9.62 0.41
N CYS B 240 -14.64 8.82 1.32
CA CYS B 240 -13.62 7.84 0.99
C CYS B 240 -14.27 6.58 0.44
N VAL B 241 -13.59 5.93 -0.49
CA VAL B 241 -14.05 4.69 -1.11
C VAL B 241 -12.99 3.60 -0.91
N CYS B 242 -13.43 2.43 -0.46
CA CYS B 242 -12.52 1.31 -0.24
C CYS B 242 -13.19 -0.04 -0.49
N ILE B 243 -12.40 -1.10 -0.33
CA ILE B 243 -12.88 -2.48 -0.29
C ILE B 243 -12.39 -3.16 1.00
N SER B 244 -13.05 -4.23 1.41
CA SER B 244 -12.74 -4.88 2.68
C SER B 244 -11.55 -5.84 2.54
N GLU B 245 -10.38 -5.24 2.37
CA GLU B 245 -9.14 -5.97 2.15
C GLU B 245 -8.02 -5.22 2.84
N PHE B 246 -7.04 -5.97 3.35
CA PHE B 246 -5.95 -5.41 4.15
C PHE B 246 -5.31 -4.14 3.59
N LEU B 247 -4.89 -4.17 2.34
CA LEU B 247 -4.13 -3.05 1.74
C LEU B 247 -5.01 -1.85 1.44
N SER B 248 -6.30 -2.10 1.23
CA SER B 248 -7.26 -1.03 1.01
C SER B 248 -7.62 -0.32 2.30
N LEU B 249 -7.71 -1.07 3.40
CA LEU B 249 -7.88 -0.48 4.73
C LEU B 249 -6.68 0.39 5.10
N TYR B 250 -5.48 -0.10 4.79
CA TYR B 250 -4.24 0.63 5.02
C TYR B 250 -4.24 1.95 4.25
N GLU B 251 -4.58 1.88 2.97
CA GLU B 251 -4.64 3.04 2.09
C GLU B 251 -5.74 4.04 2.52
N THR B 252 -6.84 3.51 3.05
CA THR B 252 -7.95 4.33 3.53
C THR B 252 -7.59 5.07 4.82
N GLU B 253 -6.92 4.37 5.75
CA GLU B 253 -6.46 4.97 7.00
C GLU B 253 -5.47 6.12 6.76
N ARG B 254 -4.56 5.95 5.79
CA ARG B 254 -3.63 7.03 5.46
C ARG B 254 -4.30 8.19 4.69
N LEU B 255 -5.31 7.87 3.87
CA LEU B 255 -6.09 8.89 3.15
C LEU B 255 -6.82 9.79 4.14
N ILE B 256 -7.43 9.17 5.15
CA ILE B 256 -8.17 9.90 6.18
C ILE B 256 -7.23 10.79 6.98
N GLN B 257 -6.05 10.27 7.33
CA GLN B 257 -5.04 11.04 8.06
C GLN B 257 -4.54 12.24 7.26
N GLU B 258 -4.36 12.05 5.96
CA GLU B 258 -4.01 13.12 5.03
C GLU B 258 -5.07 14.23 5.03
N LEU B 259 -6.35 13.83 5.03
CA LEU B 259 -7.46 14.77 4.97
C LEU B 259 -7.68 15.53 6.28
N ILE B 260 -7.37 14.87 7.40
CA ILE B 260 -7.44 15.50 8.72
C ILE B 260 -6.37 16.59 8.86
N SER B 261 -5.20 16.36 8.27
CA SER B 261 -4.11 17.34 8.27
C SER B 261 -4.41 18.56 7.38
N TYR B 262 -5.36 18.39 6.46
CA TYR B 262 -5.85 19.50 5.62
C TYR B 262 -7.02 20.23 6.28
N ASP B 263 -7.49 19.69 7.40
CA ASP B 263 -8.71 20.13 8.09
C ASP B 263 -9.97 19.91 7.24
N MET B 264 -9.86 18.99 6.29
CA MET B 264 -10.97 18.57 5.45
C MET B 264 -11.86 17.57 6.17
N ASP B 265 -13.16 17.86 6.22
CA ASP B 265 -14.15 16.98 6.85
C ASP B 265 -14.25 15.62 6.16
N VAL B 266 -14.10 14.57 6.96
CA VAL B 266 -14.29 13.19 6.52
C VAL B 266 -15.07 12.37 7.55
N ASN B 267 -16.26 11.93 7.19
CA ASN B 267 -17.02 11.00 8.06
C ASN B 267 -17.81 9.95 7.28
N SER B 268 -17.39 9.68 6.05
CA SER B 268 -18.08 8.76 5.16
C SER B 268 -17.10 7.83 4.48
N ILE B 269 -17.34 6.53 4.61
CA ILE B 269 -16.56 5.52 3.90
C ILE B 269 -17.52 4.62 3.16
N ILE B 270 -17.31 4.48 1.85
CA ILE B 270 -18.03 3.50 1.05
C ILE B 270 -17.15 2.26 0.90
N VAL B 271 -17.67 1.12 1.33
CA VAL B 271 -16.99 -0.16 1.20
C VAL B 271 -17.67 -0.94 0.08
N ASN B 272 -16.94 -1.14 -1.01
CA ASN B 272 -17.47 -1.78 -2.20
C ASN B 272 -17.07 -3.24 -2.33
N GLN B 273 -17.69 -3.92 -3.31
CA GLN B 273 -17.32 -5.28 -3.72
C GLN B 273 -17.57 -6.36 -2.66
N LEU B 274 -18.48 -6.07 -1.73
CA LEU B 274 -18.86 -7.03 -0.70
C LEU B 274 -19.70 -8.15 -1.27
N LEU B 275 -19.33 -9.39 -0.92
CA LEU B 275 -19.97 -10.56 -1.49
C LEU B 275 -21.31 -10.90 -0.85
N PHE B 276 -21.41 -10.71 0.46
CA PHE B 276 -22.53 -11.24 1.25
C PHE B 276 -22.83 -12.68 0.84
N ALA B 277 -21.80 -13.53 0.86
CA ALA B 277 -21.87 -14.87 0.25
C ALA B 277 -22.81 -15.86 0.95
N GLU B 278 -23.10 -15.63 2.23
CA GLU B 278 -23.94 -16.53 3.02
C GLU B 278 -25.42 -16.41 2.65
N ASN B 279 -25.74 -15.44 1.79
CA ASN B 279 -27.12 -15.10 1.48
C ASN B 279 -27.68 -15.65 0.16
N ASP B 280 -26.87 -15.58 -0.90
CA ASP B 280 -27.35 -15.84 -2.27
C ASP B 280 -28.05 -17.19 -2.46
N GLN B 281 -29.28 -17.16 -2.97
CA GLN B 281 -29.93 -18.39 -3.42
C GLN B 281 -29.21 -18.88 -4.67
N GLU B 282 -28.82 -20.15 -4.64
CA GLU B 282 -27.73 -20.67 -5.48
C GLU B 282 -26.45 -20.40 -4.68
N HIS B 283 -26.34 -21.05 -3.52
CA HIS B 283 -25.22 -20.89 -2.59
C HIS B 283 -23.93 -21.46 -3.18
N ASN B 284 -23.24 -22.29 -2.39
CA ASN B 284 -22.03 -22.99 -2.83
C ASN B 284 -20.89 -22.07 -3.31
N CYS B 285 -19.95 -22.66 -4.05
CA CYS B 285 -18.66 -22.04 -4.40
C CYS B 285 -17.90 -21.61 -3.16
N LYS B 286 -16.96 -22.46 -2.75
CA LYS B 286 -16.14 -22.22 -1.57
C LYS B 286 -15.13 -21.09 -1.76
N ARG B 287 -14.67 -20.90 -3.00
CA ARG B 287 -13.75 -19.79 -3.32
C ARG B 287 -14.38 -18.45 -2.91
N CYS B 288 -15.62 -18.21 -3.33
CA CYS B 288 -16.38 -17.03 -2.94
C CYS B 288 -16.65 -16.97 -1.44
N GLN B 289 -16.95 -18.12 -0.86
CA GLN B 289 -17.26 -18.22 0.57
C GLN B 289 -16.05 -17.87 1.45
N ALA B 290 -14.87 -18.34 1.05
CA ALA B 290 -13.61 -18.02 1.72
C ALA B 290 -13.22 -16.55 1.55
N ARG B 291 -13.51 -15.99 0.37
CA ARG B 291 -13.23 -14.57 0.09
C ARG B 291 -14.10 -13.67 0.97
N TRP B 292 -15.35 -14.06 1.19
CA TRP B 292 -16.21 -13.27 2.06
C TRP B 292 -15.91 -13.44 3.55
N LYS B 293 -15.34 -14.57 3.95
CA LYS B 293 -14.85 -14.73 5.32
C LYS B 293 -13.75 -13.71 5.62
N MET B 294 -12.88 -13.47 4.63
CA MET B 294 -11.81 -12.49 4.76
C MET B 294 -12.35 -11.06 4.74
N GLN B 295 -13.32 -10.80 3.85
CA GLN B 295 -13.99 -9.49 3.78
C GLN B 295 -14.69 -9.14 5.08
N LYS B 296 -15.35 -10.14 5.68
CA LYS B 296 -16.02 -10.01 6.96
C LYS B 296 -15.05 -9.69 8.09
N LYS B 297 -13.84 -10.24 8.00
CA LYS B 297 -12.79 -9.98 9.00
C LYS B 297 -12.38 -8.50 9.00
N TYR B 298 -12.23 -7.93 7.81
CA TYR B 298 -11.84 -6.53 7.69
C TYR B 298 -13.01 -5.57 7.86
N LEU B 299 -14.22 -6.05 7.62
CA LEU B 299 -15.43 -5.30 7.95
C LEU B 299 -15.56 -5.04 9.45
N ASP B 300 -15.19 -6.03 10.26
CA ASP B 300 -15.20 -5.90 11.72
C ASP B 300 -14.14 -4.89 12.20
N GLN B 301 -13.02 -4.85 11.48
CA GLN B 301 -11.96 -3.88 11.75
C GLN B 301 -12.43 -2.45 11.42
N ILE B 302 -13.10 -2.31 10.28
CA ILE B 302 -13.67 -1.01 9.85
C ILE B 302 -14.73 -0.51 10.84
N ASP B 303 -15.67 -1.40 11.20
CA ASP B 303 -16.74 -1.09 12.15
C ASP B 303 -16.18 -0.60 13.49
N GLU B 304 -15.05 -1.17 13.90
CA GLU B 304 -14.45 -0.86 15.19
C GLU B 304 -13.58 0.39 15.11
N LEU B 305 -12.88 0.57 13.99
CA LEU B 305 -11.99 1.70 13.79
C LEU B 305 -12.77 2.98 13.49
N TYR B 306 -13.85 2.84 12.73
CA TYR B 306 -14.59 4.00 12.23
C TYR B 306 -16.00 4.09 12.83
N GLU B 307 -16.05 3.97 14.15
CA GLU B 307 -17.30 3.96 14.91
C GLU B 307 -18.21 5.16 14.63
N ASP B 308 -17.62 6.36 14.49
CA ASP B 308 -18.42 7.57 14.25
C ASP B 308 -18.45 8.03 12.78
N PHE B 309 -18.09 7.11 11.89
CA PHE B 309 -18.18 7.33 10.44
C PHE B 309 -19.46 6.69 9.90
N HIS B 310 -20.01 7.28 8.84
CA HIS B 310 -21.00 6.60 8.01
C HIS B 310 -20.25 5.55 7.15
N VAL B 311 -20.34 4.29 7.55
CA VAL B 311 -19.72 3.19 6.81
C VAL B 311 -20.79 2.48 5.98
N VAL B 312 -20.80 2.77 4.68
CA VAL B 312 -21.84 2.23 3.80
C VAL B 312 -21.32 1.04 3.00
N LYS B 313 -21.98 -0.09 3.25
CA LYS B 313 -21.55 -1.40 2.78
C LYS B 313 -22.28 -1.77 1.49
N MET B 314 -21.53 -1.81 0.39
CA MET B 314 -22.11 -1.93 -0.95
C MET B 314 -21.83 -3.29 -1.56
N PRO B 315 -22.83 -3.87 -2.25
CA PRO B 315 -22.67 -5.21 -2.81
C PRO B 315 -21.80 -5.26 -4.07
N LEU B 316 -21.06 -6.36 -4.21
CA LEU B 316 -20.42 -6.69 -5.48
C LEU B 316 -21.49 -6.98 -6.52
N CYS B 317 -21.27 -6.49 -7.73
CA CYS B 317 -22.07 -6.88 -8.89
C CYS B 317 -21.17 -7.65 -9.86
N ALA B 318 -21.78 -8.44 -10.73
CA ALA B 318 -21.04 -9.28 -11.68
C ALA B 318 -20.00 -8.49 -12.47
N GLY B 319 -20.47 -7.64 -13.37
CA GLY B 319 -19.58 -6.78 -14.14
C GLY B 319 -19.56 -5.38 -13.57
N GLU B 320 -18.80 -4.49 -14.20
CA GLU B 320 -18.83 -3.08 -13.80
C GLU B 320 -20.20 -2.49 -14.13
N ILE B 321 -20.60 -1.46 -13.40
CA ILE B 321 -21.93 -0.90 -13.55
C ILE B 321 -21.88 0.33 -14.45
N ARG B 322 -22.60 0.25 -15.56
CA ARG B 322 -22.57 1.30 -16.58
C ARG B 322 -23.98 1.64 -17.05
N GLY B 323 -24.16 2.88 -17.49
CA GLY B 323 -25.45 3.36 -17.97
C GLY B 323 -26.25 3.98 -16.84
N LEU B 324 -27.03 5.01 -17.18
CA LEU B 324 -27.88 5.70 -16.22
C LEU B 324 -28.81 4.73 -15.48
N ASN B 325 -29.40 3.78 -16.20
CA ASN B 325 -30.35 2.84 -15.61
C ASN B 325 -29.77 1.99 -14.50
N ASN B 326 -28.66 1.31 -14.77
CA ASN B 326 -27.99 0.47 -13.78
C ASN B 326 -27.34 1.28 -12.67
N LEU B 327 -26.86 2.48 -13.00
CA LEU B 327 -26.26 3.37 -12.00
C LEU B 327 -27.27 3.85 -10.97
N THR B 328 -28.49 4.16 -11.39
CA THR B 328 -29.49 4.65 -10.42
C THR B 328 -30.03 3.52 -9.53
N LYS B 329 -30.24 2.34 -10.10
CA LYS B 329 -30.71 1.18 -9.32
C LYS B 329 -29.70 0.78 -8.25
N PHE B 330 -28.42 0.84 -8.61
CA PHE B 330 -27.33 0.51 -7.69
C PHE B 330 -27.12 1.61 -6.66
N SER B 331 -27.17 2.86 -7.13
CA SER B 331 -26.94 4.04 -6.29
C SER B 331 -27.89 4.15 -5.09
N GLN B 332 -29.08 3.56 -5.21
CA GLN B 332 -30.12 3.67 -4.16
C GLN B 332 -29.63 3.16 -2.80
N PHE B 333 -28.68 2.24 -2.85
CA PHE B 333 -28.10 1.61 -1.67
C PHE B 333 -27.06 2.47 -0.93
N LEU B 334 -26.70 3.61 -1.51
CA LEU B 334 -25.98 4.64 -0.77
C LEU B 334 -26.93 5.39 0.17
N ASN B 335 -28.21 5.44 -0.19
CA ASN B 335 -29.21 6.20 0.57
C ASN B 335 -29.87 5.35 1.65
N LYS B 336 -30.33 4.17 1.27
CA LYS B 336 -30.91 3.20 2.20
C LYS B 336 -30.08 1.92 2.10
N GLU B 337 -29.53 1.46 3.23
CA GLU B 337 -28.59 0.31 3.25
C GLU B 337 -29.07 -0.87 2.45
N TYR B 338 -28.16 -1.43 1.66
CA TYR B 338 -28.37 -2.71 1.04
C TYR B 338 -28.62 -3.79 2.09
N ASN B 339 -29.70 -4.54 1.89
CA ASN B 339 -29.97 -5.71 2.70
C ASN B 339 -29.87 -6.93 1.77
N PRO B 340 -28.85 -7.78 2.00
CA PRO B 340 -28.65 -8.95 1.14
C PRO B 340 -29.82 -9.95 1.17
N ILE B 341 -30.54 -9.98 2.29
CA ILE B 341 -31.71 -10.86 2.44
C ILE B 341 -32.82 -10.48 1.46
N THR B 342 -33.04 -9.17 1.30
CA THR B 342 -34.18 -8.67 0.53
C THR B 342 -33.81 -8.05 -0.81
N ASP B 343 -32.63 -7.46 -0.91
CA ASP B 343 -32.25 -6.68 -2.10
C ASP B 343 -31.44 -7.45 -3.12
N GLY B 344 -31.12 -8.71 -2.79
CA GLY B 344 -30.34 -9.59 -3.68
C GLY B 344 -30.87 -9.61 -5.10
N LYS B 345 -32.20 -9.71 -5.24
CA LYS B 345 -32.88 -9.69 -6.53
C LYS B 345 -32.45 -8.52 -7.41
N VAL B 346 -32.38 -7.31 -6.84
CA VAL B 346 -31.96 -6.11 -7.59
C VAL B 346 -30.54 -6.25 -8.16
N ILE B 347 -29.63 -6.81 -7.36
CA ILE B 347 -28.24 -7.00 -7.77
C ILE B 347 -28.08 -8.08 -8.84
N TYR B 348 -28.65 -9.26 -8.59
CA TYR B 348 -28.57 -10.38 -9.53
C TYR B 348 -29.53 -10.18 -10.71
N GLU B 349 -29.82 -8.91 -11.00
CA GLU B 349 -30.71 -8.48 -12.07
C GLU B 349 -30.14 -7.23 -12.75
N LEU B 350 -29.13 -6.63 -12.12
CA LEU B 350 -28.25 -5.68 -12.78
C LEU B 350 -27.26 -6.47 -13.63
N GLU B 351 -26.97 -7.68 -13.17
CA GLU B 351 -26.09 -8.62 -13.86
C GLU B 351 -26.72 -9.13 -15.16
ZN ZN C . -17.00 -18.07 -6.80
MG MG D . 0.75 -14.09 5.30
NA NA E . 27.97 -10.88 33.74
NA NA F . 13.37 -13.25 9.93
NA NA G . 12.97 -4.36 4.14
MG MG H . -12.23 2.86 -10.18
CL CL I . -11.44 16.54 -9.93
CL CL J . -6.52 13.45 -1.95
#